data_1KNZ
#
_entry.id   1KNZ
#
_cell.length_a   40.275
_cell.length_b   85.359
_cell.length_c   96.051
_cell.angle_alpha   89.99
_cell.angle_beta   90.00
_cell.angle_gamma   90.05
#
_symmetry.space_group_name_H-M   'P 1'
#
loop_
_entity.id
_entity.type
_entity.pdbx_description
1 polymer "5'-R(*UP*GP*AP*CP*C)-3'"
2 polymer 'Nonstructural RNA-binding Protein 34'
3 water water
#
loop_
_entity_poly.entity_id
_entity_poly.type
_entity_poly.pdbx_seq_one_letter_code
_entity_poly.pdbx_strand_id
1 'polyribonucleotide' UGACC W,X,Y,Z
2 'polypeptide(L)'
;LGSMESTQQMAVSIINSSFEAAVVAATSALENMGIEYDYQDIYSRVKNKFDFVMDDSGVKNNPIGKAITIDQALNNKFGS
AIRNRNWLADTSRPAKLDEDVNKLRMMLSSKGIDQKMRVLNACFSVKRIPGKSSSIIKCTKLMRDKLERGEVEVDDSFVD
EKME
;
A,B,C,D,I,J,M,N
#
# COMPACT_ATOMS: atom_id res chain seq x y z
N THR E 7 56.53 26.13 8.68
CA THR E 7 57.09 24.88 9.28
C THR E 7 56.59 23.66 8.52
N GLN E 8 55.28 23.62 8.27
CA GLN E 8 54.67 22.52 7.53
C GLN E 8 55.25 22.46 6.13
N GLN E 9 55.51 23.62 5.56
CA GLN E 9 56.09 23.72 4.24
C GLN E 9 57.59 23.33 4.33
N MET E 10 58.20 23.56 5.49
CA MET E 10 59.60 23.18 5.65
C MET E 10 59.65 21.66 5.81
N ALA E 11 58.72 21.10 6.57
CA ALA E 11 58.68 19.66 6.76
C ALA E 11 58.51 19.01 5.37
N VAL E 12 57.60 19.54 4.57
CA VAL E 12 57.39 19.01 3.22
C VAL E 12 58.71 19.07 2.45
N SER E 13 59.37 20.21 2.56
CA SER E 13 60.66 20.44 1.91
C SER E 13 61.70 19.39 2.33
N ILE E 14 61.82 19.19 3.64
CA ILE E 14 62.77 18.22 4.17
C ILE E 14 62.47 16.82 3.64
N ILE E 15 61.19 16.48 3.59
CA ILE E 15 60.77 15.17 3.08
C ILE E 15 61.17 14.99 1.60
N ASN E 16 61.01 16.04 0.80
CA ASN E 16 61.39 15.95 -0.59
C ASN E 16 62.91 15.89 -0.74
N SER E 17 63.63 16.65 0.08
CA SER E 17 65.09 16.62 0.00
C SER E 17 65.56 15.22 0.33
N SER E 18 64.81 14.54 1.20
CA SER E 18 65.15 13.19 1.61
C SER E 18 65.04 12.24 0.41
N PHE E 19 63.98 12.42 -0.38
CA PHE E 19 63.77 11.61 -1.56
C PHE E 19 64.92 11.85 -2.55
N GLU E 20 65.28 13.11 -2.73
CA GLU E 20 66.37 13.47 -3.64
C GLU E 20 67.65 12.77 -3.24
N ALA E 21 67.86 12.67 -1.93
CA ALA E 21 69.06 12.05 -1.38
C ALA E 21 69.09 10.55 -1.63
N ALA E 22 67.92 9.92 -1.50
CA ALA E 22 67.80 8.50 -1.71
C ALA E 22 68.12 8.20 -3.18
N VAL E 23 67.66 9.09 -4.06
CA VAL E 23 67.91 8.91 -5.48
C VAL E 23 69.40 9.08 -5.81
N VAL E 24 69.99 10.15 -5.29
CA VAL E 24 71.39 10.42 -5.56
C VAL E 24 72.27 9.32 -4.97
N ALA E 25 71.82 8.74 -3.87
CA ALA E 25 72.58 7.68 -3.21
C ALA E 25 72.54 6.40 -4.06
N ALA E 26 71.37 6.03 -4.56
CA ALA E 26 71.25 4.82 -5.35
C ALA E 26 71.99 5.00 -6.66
N THR E 27 71.67 6.09 -7.34
CA THR E 27 72.25 6.41 -8.62
C THR E 27 73.77 6.51 -8.56
N SER E 28 74.29 7.19 -7.53
CA SER E 28 75.73 7.35 -7.39
C SER E 28 76.38 6.05 -6.93
N ALA E 29 75.60 5.19 -6.26
CA ALA E 29 76.12 3.90 -5.81
C ALA E 29 76.28 2.96 -7.00
N LEU E 30 75.34 2.98 -7.94
CA LEU E 30 75.46 2.14 -9.13
C LEU E 30 76.71 2.52 -9.94
N GLU E 31 76.84 3.80 -10.24
CA GLU E 31 77.98 4.29 -11.00
C GLU E 31 79.32 3.95 -10.36
N ASN E 32 79.44 4.16 -9.06
CA ASN E 32 80.70 3.89 -8.38
C ASN E 32 81.09 2.43 -8.46
N MET E 33 80.12 1.58 -8.78
CA MET E 33 80.39 0.15 -8.88
C MET E 33 80.45 -0.32 -10.33
N GLY E 34 80.45 0.63 -11.26
CA GLY E 34 80.51 0.29 -12.68
C GLY E 34 79.26 -0.38 -13.24
N ILE E 35 78.10 -0.10 -12.66
CA ILE E 35 76.85 -0.69 -13.13
C ILE E 35 76.01 0.32 -13.89
N GLU E 36 75.64 -0.04 -15.11
CA GLU E 36 74.83 0.82 -15.97
C GLU E 36 73.41 1.01 -15.43
N TYR E 37 72.79 2.12 -15.81
CA TYR E 37 71.44 2.42 -15.36
C TYR E 37 70.90 3.65 -16.06
N ASP E 38 69.58 3.72 -16.16
CA ASP E 38 68.92 4.86 -16.77
C ASP E 38 68.34 5.72 -15.65
N TYR E 39 68.70 7.00 -15.63
CA TYR E 39 68.24 7.91 -14.60
C TYR E 39 66.76 7.75 -14.29
N GLN E 40 65.94 7.83 -15.32
CA GLN E 40 64.50 7.70 -15.17
C GLN E 40 64.12 6.38 -14.49
N ASP E 41 64.75 5.29 -14.91
CA ASP E 41 64.46 3.99 -14.31
C ASP E 41 64.68 4.02 -12.81
N ILE E 42 65.90 4.36 -12.41
CA ILE E 42 66.25 4.41 -11.00
C ILE E 42 65.42 5.43 -10.23
N TYR E 43 65.12 6.55 -10.88
CA TYR E 43 64.33 7.60 -10.25
C TYR E 43 62.95 7.06 -9.90
N SER E 44 62.36 6.33 -10.84
CA SER E 44 61.04 5.76 -10.66
C SER E 44 61.03 4.72 -9.55
N ARG E 45 62.00 3.81 -9.57
CA ARG E 45 62.06 2.78 -8.55
C ARG E 45 62.12 3.36 -7.14
N VAL E 46 63.05 4.28 -6.93
CA VAL E 46 63.22 4.89 -5.62
C VAL E 46 61.98 5.67 -5.19
N LYS E 47 61.29 6.26 -6.16
CA LYS E 47 60.09 7.05 -5.91
C LYS E 47 58.89 6.21 -5.47
N ASN E 48 58.73 5.00 -6.04
CA ASN E 48 57.62 4.13 -5.65
C ASN E 48 57.88 3.68 -4.22
N LYS E 49 59.12 3.27 -3.98
CA LYS E 49 59.51 2.79 -2.66
C LYS E 49 59.39 3.87 -1.61
N PHE E 50 59.89 5.06 -1.92
CA PHE E 50 59.82 6.17 -0.98
C PHE E 50 58.37 6.56 -0.70
N ASP E 51 57.59 6.76 -1.76
CA ASP E 51 56.18 7.14 -1.59
C ASP E 51 55.41 6.04 -0.84
N PHE E 52 55.70 4.78 -1.14
CA PHE E 52 55.00 3.67 -0.47
C PHE E 52 55.41 3.59 0.99
N VAL E 53 56.70 3.70 1.23
CA VAL E 53 57.23 3.62 2.58
C VAL E 53 56.73 4.77 3.45
N MET E 54 56.81 6.00 2.96
CA MET E 54 56.36 7.14 3.74
C MET E 54 54.87 7.11 4.02
N ASP E 55 54.09 6.60 3.05
CA ASP E 55 52.64 6.51 3.19
C ASP E 55 52.20 5.32 4.02
N ASP E 56 52.70 4.14 3.67
CA ASP E 56 52.34 2.92 4.40
C ASP E 56 52.78 2.92 5.87
N SER E 57 53.90 3.58 6.15
CA SER E 57 54.43 3.63 7.51
C SER E 57 53.66 4.58 8.40
N GLY E 58 52.92 5.50 7.78
CA GLY E 58 52.18 6.49 8.53
C GLY E 58 53.15 7.57 8.93
N VAL E 59 54.42 7.39 8.58
CA VAL E 59 55.44 8.36 8.94
C VAL E 59 55.26 9.72 8.25
N LYS E 60 54.77 9.76 7.02
CA LYS E 60 54.60 11.07 6.38
C LYS E 60 53.66 11.92 7.22
N ASN E 61 52.56 11.31 7.68
CA ASN E 61 51.56 12.00 8.50
C ASN E 61 52.10 12.43 9.87
N ASN E 62 53.07 11.67 10.36
CA ASN E 62 53.68 11.97 11.66
C ASN E 62 54.39 13.33 11.66
N PRO E 63 55.35 13.57 10.73
CA PRO E 63 56.10 14.83 10.65
C PRO E 63 55.32 16.03 10.16
N ILE E 64 54.45 15.81 9.17
CA ILE E 64 53.62 16.91 8.67
C ILE E 64 52.69 17.27 9.81
N GLY E 65 52.30 16.25 10.59
CA GLY E 65 51.44 16.50 11.72
C GLY E 65 52.19 17.27 12.79
N LYS E 66 53.43 16.87 13.05
CA LYS E 66 54.25 17.54 14.06
C LYS E 66 54.58 18.96 13.62
N ALA E 67 54.87 19.15 12.34
CA ALA E 67 55.17 20.48 11.86
C ALA E 67 53.96 21.39 12.08
N ILE E 68 52.77 20.86 11.85
CA ILE E 68 51.56 21.61 12.04
C ILE E 68 51.40 21.96 13.54
N THR E 69 51.82 21.12 14.50
CA THR E 69 51.49 21.64 15.86
C THR E 69 52.52 22.74 16.14
N ILE E 70 53.74 22.73 15.60
CA ILE E 70 54.69 23.83 15.87
C ILE E 70 54.06 25.13 15.29
N ASP E 71 53.65 25.13 14.02
CA ASP E 71 53.05 26.33 13.40
C ASP E 71 51.96 26.91 14.28
N GLN E 72 51.11 26.03 14.81
CA GLN E 72 50.05 26.46 15.70
C GLN E 72 50.66 27.14 16.92
N ALA E 73 51.65 26.50 17.56
CA ALA E 73 52.29 27.09 18.73
C ALA E 73 52.92 28.43 18.39
N LEU E 74 53.24 28.63 17.12
CA LEU E 74 53.82 29.88 16.69
C LEU E 74 52.72 30.92 16.54
N ASN E 75 51.49 30.45 16.33
CA ASN E 75 50.35 31.33 16.18
C ASN E 75 49.63 31.45 17.53
N ASN E 76 50.36 31.14 18.60
CA ASN E 76 49.84 31.20 19.97
C ASN E 76 48.78 30.15 20.36
N LYS E 77 48.79 29.00 19.70
CA LYS E 77 47.87 27.91 20.03
C LYS E 77 48.74 26.76 20.49
N PHE E 78 49.18 26.81 21.74
CA PHE E 78 50.06 25.79 22.30
C PHE E 78 49.39 24.48 22.68
N GLY E 79 48.07 24.41 22.53
CA GLY E 79 47.34 23.19 22.86
C GLY E 79 48.04 21.91 22.42
N SER E 80 48.34 21.82 21.13
CA SER E 80 48.99 20.63 20.62
C SER E 80 50.40 20.46 21.16
N ALA E 81 51.17 21.55 21.23
CA ALA E 81 52.53 21.47 21.74
C ALA E 81 52.50 21.03 23.18
N ILE E 82 51.49 21.51 23.91
CA ILE E 82 51.32 21.16 25.31
C ILE E 82 51.02 19.66 25.37
N ARG E 83 50.20 19.21 24.42
CA ARG E 83 49.86 17.80 24.36
C ARG E 83 51.11 16.98 24.05
N ASN E 84 51.98 17.52 23.21
CA ASN E 84 53.21 16.81 22.85
C ASN E 84 54.10 16.61 24.07
N ARG E 85 54.22 17.65 24.91
CA ARG E 85 55.06 17.56 26.09
C ARG E 85 54.48 16.58 27.11
N ASN E 86 53.15 16.60 27.30
CA ASN E 86 52.53 15.69 28.24
C ASN E 86 52.65 14.24 27.80
N TRP E 87 52.55 14.02 26.49
CA TRP E 87 52.66 12.67 25.94
C TRP E 87 54.04 12.09 26.23
N LEU E 88 55.07 12.83 25.84
CA LEU E 88 56.45 12.42 26.05
C LEU E 88 56.79 12.28 27.56
N ALA E 89 56.09 13.03 28.40
CA ALA E 89 56.31 13.01 29.84
C ALA E 89 55.53 11.91 30.59
N ASP E 90 54.50 11.36 29.96
CA ASP E 90 53.72 10.32 30.61
C ASP E 90 54.66 9.31 31.26
N THR E 91 54.35 8.91 32.48
CA THR E 91 55.20 7.95 33.19
C THR E 91 55.35 6.62 32.44
N SER E 92 54.34 6.25 31.67
CA SER E 92 54.40 5.00 30.92
C SER E 92 54.74 5.16 29.45
N ARG E 93 55.11 6.36 29.02
CA ARG E 93 55.43 6.58 27.60
C ARG E 93 56.51 5.62 27.10
N PRO E 94 57.67 5.59 27.78
CA PRO E 94 58.76 4.71 27.38
C PRO E 94 58.36 3.25 27.35
N ALA E 95 57.50 2.86 28.29
CA ALA E 95 57.05 1.49 28.37
C ALA E 95 56.19 1.15 27.15
N LYS E 96 55.28 2.07 26.82
CA LYS E 96 54.40 1.89 25.67
C LYS E 96 55.14 1.86 24.34
N LEU E 97 56.06 2.80 24.15
CA LEU E 97 56.80 2.82 22.89
C LEU E 97 57.72 1.60 22.81
N ASP E 98 58.27 1.20 23.95
CA ASP E 98 59.13 0.04 23.98
C ASP E 98 58.36 -1.20 23.53
N GLU E 99 57.13 -1.34 24.01
CA GLU E 99 56.31 -2.48 23.64
C GLU E 99 56.01 -2.41 22.16
N ASP E 100 55.77 -1.20 21.68
CA ASP E 100 55.48 -0.93 20.28
C ASP E 100 56.70 -1.33 19.42
N VAL E 101 57.84 -0.72 19.76
CA VAL E 101 59.10 -0.99 19.08
C VAL E 101 59.50 -2.46 19.10
N ASN E 102 59.25 -3.13 20.22
CA ASN E 102 59.59 -4.55 20.35
C ASN E 102 58.78 -5.41 19.38
N LYS E 103 57.49 -5.10 19.27
CA LYS E 103 56.61 -5.84 18.37
C LYS E 103 57.09 -5.77 16.93
N LEU E 104 57.45 -4.56 16.50
CA LEU E 104 57.89 -4.32 15.13
C LEU E 104 59.22 -4.98 14.84
N ARG E 105 60.10 -4.99 15.82
CA ARG E 105 61.41 -5.59 15.62
C ARG E 105 61.35 -7.10 15.51
N MET E 106 60.38 -7.72 16.18
CA MET E 106 60.23 -9.17 16.14
C MET E 106 59.71 -9.54 14.74
N MET E 107 59.12 -8.56 14.07
CA MET E 107 58.58 -8.78 12.74
C MET E 107 59.66 -8.83 11.66
N LEU E 108 60.78 -8.16 11.88
CA LEU E 108 61.86 -8.17 10.90
C LEU E 108 62.37 -9.58 10.66
N GLY E 112 57.64 -16.04 8.64
CA GLY E 112 56.39 -16.63 9.19
C GLY E 112 55.22 -15.68 9.10
N ILE E 113 54.31 -15.78 10.06
CA ILE E 113 53.13 -14.91 10.13
C ILE E 113 52.05 -15.18 9.09
N ASP E 114 52.30 -16.09 8.15
CA ASP E 114 51.31 -16.38 7.11
C ASP E 114 50.00 -16.95 7.62
N GLN E 115 50.10 -18.02 8.40
CA GLN E 115 48.91 -18.64 8.97
C GLN E 115 48.23 -17.60 9.84
N LYS E 116 49.01 -16.96 10.71
CA LYS E 116 48.52 -15.94 11.62
C LYS E 116 47.74 -14.85 10.90
N MET E 117 48.26 -14.41 9.76
CA MET E 117 47.62 -13.35 8.96
C MET E 117 46.34 -13.81 8.28
N ARG E 118 46.33 -15.07 7.86
CA ARG E 118 45.17 -15.66 7.20
C ARG E 118 43.97 -15.58 8.14
N VAL E 119 44.17 -16.03 9.37
CA VAL E 119 43.14 -16.00 10.40
C VAL E 119 42.75 -14.57 10.72
N LEU E 120 43.74 -13.71 10.92
CA LEU E 120 43.50 -12.31 11.24
C LEU E 120 42.85 -11.53 10.09
N ASN E 121 43.30 -11.76 8.87
CA ASN E 121 42.73 -11.04 7.74
C ASN E 121 41.23 -11.30 7.57
N ALA E 122 40.77 -12.45 8.07
CA ALA E 122 39.36 -12.81 7.95
C ALA E 122 38.46 -12.22 9.05
N CYS E 123 39.06 -11.84 10.18
CA CYS E 123 38.28 -11.30 11.29
C CYS E 123 38.44 -9.80 11.49
N PHE E 124 39.53 -9.23 10.98
CA PHE E 124 39.76 -7.80 11.18
C PHE E 124 40.12 -7.04 9.94
N SER E 125 39.83 -5.75 9.97
CA SER E 125 40.13 -4.84 8.87
C SER E 125 40.94 -3.68 9.45
N VAL E 126 42.01 -3.30 8.77
CA VAL E 126 42.86 -2.20 9.23
C VAL E 126 42.62 -0.94 8.45
N LYS E 127 42.28 0.14 9.15
CA LYS E 127 41.98 1.42 8.51
C LYS E 127 42.79 2.59 9.08
N ARG E 128 42.63 3.76 8.49
CA ARG E 128 43.36 4.93 8.98
C ARG E 128 42.53 6.20 8.91
N ILE E 129 42.55 6.96 10.00
CA ILE E 129 41.83 8.22 10.02
C ILE E 129 42.76 9.20 9.31
N PRO E 130 42.25 9.89 8.27
CA PRO E 130 43.02 10.88 7.49
C PRO E 130 43.93 11.73 8.36
N GLY E 131 45.18 11.85 7.93
CA GLY E 131 46.13 12.65 8.68
C GLY E 131 46.86 11.90 9.78
N LYS E 132 46.21 10.89 10.36
CA LYS E 132 46.80 10.13 11.46
C LYS E 132 47.88 9.10 11.09
N SER E 133 48.80 8.90 12.03
CA SER E 133 49.88 7.92 11.85
C SER E 133 49.48 6.61 12.50
N SER E 134 48.54 6.67 13.44
CA SER E 134 48.08 5.46 14.11
C SER E 134 47.05 4.77 13.23
N SER E 135 46.47 3.68 13.73
CA SER E 135 45.51 2.94 12.92
C SER E 135 44.16 2.75 13.60
N ILE E 136 43.23 2.21 12.84
CA ILE E 136 41.91 1.89 13.35
C ILE E 136 41.66 0.45 12.96
N ILE E 137 41.21 -0.35 13.93
CA ILE E 137 40.92 -1.75 13.70
C ILE E 137 39.41 -1.87 13.69
N LYS E 138 38.88 -2.54 12.67
CA LYS E 138 37.44 -2.72 12.56
C LYS E 138 37.04 -4.20 12.61
N CYS E 139 35.93 -4.47 13.28
CA CYS E 139 35.41 -5.83 13.40
C CYS E 139 33.91 -5.82 13.67
N THR E 140 33.34 -6.99 13.97
CA THR E 140 31.92 -7.06 14.24
C THR E 140 31.67 -6.93 15.75
N LYS E 141 30.50 -6.42 16.13
CA LYS E 141 30.17 -6.27 17.55
C LYS E 141 30.35 -7.61 18.25
N LEU E 142 30.05 -8.69 17.53
CA LEU E 142 30.19 -10.03 18.07
C LEU E 142 31.66 -10.29 18.41
N MET E 143 32.54 -9.97 17.47
CA MET E 143 33.97 -10.16 17.72
C MET E 143 34.45 -9.21 18.80
N ARG E 144 34.10 -7.93 18.67
CA ARG E 144 34.51 -6.92 19.62
C ARG E 144 34.13 -7.29 21.05
N ASP E 145 32.87 -7.66 21.26
CA ASP E 145 32.39 -8.05 22.58
C ASP E 145 33.07 -9.34 23.03
N LYS E 146 33.35 -10.22 22.06
CA LYS E 146 34.01 -11.48 22.36
C LYS E 146 35.45 -11.21 22.79
N LEU E 147 36.10 -10.28 22.12
CA LEU E 147 37.47 -9.90 22.42
C LEU E 147 37.49 -9.19 23.77
N GLU E 148 36.53 -8.29 24.00
CA GLU E 148 36.44 -7.56 25.25
C GLU E 148 35.91 -8.48 26.35
N ARG E 149 36.43 -9.69 26.38
CA ARG E 149 36.06 -10.68 27.37
C ARG E 149 37.22 -11.65 27.54
N GLY E 150 37.99 -11.85 26.47
CA GLY E 150 39.14 -12.74 26.53
C GLY E 150 39.44 -13.46 25.23
N GLU E 151 40.16 -14.57 25.33
CA GLU E 151 40.53 -15.37 24.18
C GLU E 151 39.32 -15.61 23.27
N VAL E 152 39.59 -15.89 22.00
CA VAL E 152 38.50 -16.12 21.05
C VAL E 152 38.89 -17.19 20.03
N GLU E 153 38.05 -18.19 19.87
CA GLU E 153 38.28 -19.27 18.92
C GLU E 153 37.71 -18.93 17.56
N VAL E 154 38.52 -19.00 16.51
CA VAL E 154 37.99 -18.77 15.16
C VAL E 154 38.04 -20.16 14.56
N ASP E 155 37.01 -20.60 13.84
CA ASP E 155 37.09 -21.93 13.27
C ASP E 155 37.77 -21.87 11.91
N ASP E 156 38.69 -22.81 11.65
CA ASP E 156 39.40 -22.85 10.36
C ASP E 156 38.39 -22.89 9.22
N SER E 157 37.14 -23.24 9.52
CA SER E 157 36.13 -23.30 8.47
C SER E 157 35.69 -21.89 8.07
N PHE E 158 35.45 -21.02 9.06
CA PHE E 158 35.04 -19.65 8.79
C PHE E 158 36.12 -18.92 7.97
N VAL E 159 37.36 -19.00 8.44
CA VAL E 159 38.47 -18.34 7.75
C VAL E 159 38.42 -18.70 6.27
N ASP E 160 38.40 -20.00 5.98
CA ASP E 160 38.33 -20.50 4.62
C ASP E 160 37.12 -19.93 3.89
N GLU E 161 36.02 -19.73 4.63
CA GLU E 161 34.82 -19.20 4.03
C GLU E 161 35.13 -17.82 3.49
N LYS E 162 36.25 -17.26 3.93
CA LYS E 162 36.67 -15.93 3.51
C LYS E 162 38.06 -15.91 2.87
N MET E 163 38.39 -16.95 2.12
CA MET E 163 39.68 -17.06 1.45
C MET E 163 40.81 -17.31 2.43
N GLY F 2 62.35 17.57 33.50
CA GLY F 2 63.28 17.18 32.39
C GLY F 2 62.53 17.04 31.08
N SER F 3 61.46 17.83 30.93
CA SER F 3 60.64 17.81 29.73
C SER F 3 60.70 19.18 29.03
N MET F 4 61.52 20.07 29.58
CA MET F 4 61.65 21.43 29.04
C MET F 4 62.26 21.56 27.65
N GLU F 5 62.35 20.45 26.92
CA GLU F 5 62.87 20.46 25.56
C GLU F 5 62.01 19.53 24.71
N SER F 6 60.79 19.30 25.17
CA SER F 6 59.87 18.41 24.47
C SER F 6 59.64 18.80 23.01
N THR F 7 59.53 20.11 22.75
CA THR F 7 59.31 20.60 21.40
C THR F 7 60.52 20.40 20.50
N GLN F 8 61.71 20.64 21.03
CA GLN F 8 62.92 20.48 20.22
C GLN F 8 63.13 19.00 19.89
N GLN F 9 62.86 18.14 20.86
CA GLN F 9 63.02 16.71 20.66
C GLN F 9 62.07 16.22 19.59
N MET F 10 60.83 16.70 19.64
CA MET F 10 59.84 16.33 18.65
C MET F 10 60.22 16.85 17.29
N ALA F 11 60.72 18.08 17.25
CA ALA F 11 61.09 18.71 15.99
C ALA F 11 62.27 18.04 15.27
N VAL F 12 63.16 17.42 16.03
CA VAL F 12 64.32 16.76 15.43
C VAL F 12 63.90 15.47 14.74
N SER F 13 62.84 14.85 15.23
CA SER F 13 62.39 13.61 14.62
C SER F 13 61.92 13.85 13.19
N ILE F 14 61.65 15.11 12.84
CA ILE F 14 61.22 15.41 11.48
C ILE F 14 62.42 15.24 10.54
N ILE F 15 63.58 15.71 10.99
CA ILE F 15 64.79 15.59 10.20
C ILE F 15 65.26 14.15 10.21
N ASN F 16 65.44 13.61 11.42
CA ASN F 16 65.92 12.26 11.59
C ASN F 16 65.06 11.21 10.89
N SER F 17 63.75 11.27 11.07
CA SER F 17 62.89 10.29 10.41
C SER F 17 62.92 10.44 8.89
N SER F 18 63.09 11.67 8.39
CA SER F 18 63.15 11.88 6.94
C SER F 18 64.42 11.21 6.42
N PHE F 19 65.51 11.36 7.18
CA PHE F 19 66.80 10.76 6.83
C PHE F 19 66.71 9.24 6.80
N GLU F 20 66.04 8.67 7.79
CA GLU F 20 65.86 7.23 7.87
C GLU F 20 64.99 6.74 6.71
N ALA F 21 63.99 7.53 6.34
CA ALA F 21 63.11 7.14 5.23
C ALA F 21 63.95 6.99 3.97
N ALA F 22 64.83 7.97 3.75
CA ALA F 22 65.69 7.98 2.57
C ALA F 22 66.64 6.80 2.51
N VAL F 23 67.24 6.43 3.65
CA VAL F 23 68.17 5.31 3.64
C VAL F 23 67.39 4.06 3.24
N VAL F 24 66.25 3.87 3.88
CA VAL F 24 65.40 2.72 3.58
C VAL F 24 65.04 2.68 2.09
N ALA F 25 64.55 3.80 1.57
CA ALA F 25 64.16 3.87 0.17
C ALA F 25 65.30 3.44 -0.75
N ALA F 26 66.48 4.04 -0.54
CA ALA F 26 67.64 3.75 -1.35
C ALA F 26 68.14 2.30 -1.25
N THR F 27 68.40 1.83 -0.05
CA THR F 27 68.87 0.47 0.13
C THR F 27 67.85 -0.51 -0.39
N SER F 28 66.59 -0.30 -0.04
CA SER F 28 65.53 -1.19 -0.48
C SER F 28 65.39 -1.28 -2.02
N ALA F 29 65.37 -0.14 -2.70
CA ALA F 29 65.26 -0.13 -4.16
C ALA F 29 66.39 -0.93 -4.82
N LEU F 30 67.62 -0.66 -4.43
CA LEU F 30 68.76 -1.40 -4.97
C LEU F 30 68.54 -2.90 -4.73
N GLU F 31 68.17 -3.25 -3.50
CA GLU F 31 67.93 -4.64 -3.13
C GLU F 31 66.88 -5.28 -4.07
N ASN F 32 65.79 -4.56 -4.34
CA ASN F 32 64.74 -5.08 -5.22
C ASN F 32 65.26 -5.25 -6.64
N MET F 33 66.34 -4.55 -6.98
CA MET F 33 66.95 -4.66 -8.31
C MET F 33 67.94 -5.82 -8.35
N GLY F 34 68.14 -6.45 -7.19
CA GLY F 34 69.07 -7.56 -7.12
C GLY F 34 70.51 -7.12 -6.99
N ILE F 35 70.75 -5.82 -7.07
CA ILE F 35 72.11 -5.31 -6.95
C ILE F 35 72.63 -5.41 -5.52
N GLU F 36 73.89 -5.79 -5.40
CA GLU F 36 74.54 -5.91 -4.11
C GLU F 36 75.03 -4.51 -3.74
N TYR F 37 74.99 -4.17 -2.46
CA TYR F 37 75.41 -2.86 -2.02
C TYR F 37 75.89 -2.93 -0.59
N ASP F 38 76.59 -1.89 -0.15
CA ASP F 38 77.10 -1.82 1.21
C ASP F 38 76.27 -0.81 1.99
N TYR F 39 75.51 -1.30 2.97
CA TYR F 39 74.65 -0.44 3.78
C TYR F 39 75.29 0.88 4.20
N GLN F 40 76.49 0.80 4.78
CA GLN F 40 77.18 1.99 5.23
C GLN F 40 77.45 2.95 4.07
N ASP F 41 77.77 2.40 2.91
CA ASP F 41 78.04 3.22 1.73
C ASP F 41 76.81 4.02 1.28
N ILE F 42 75.67 3.36 1.17
CA ILE F 42 74.44 4.03 0.76
C ILE F 42 74.03 5.00 1.87
N TYR F 43 74.23 4.57 3.11
CA TYR F 43 73.90 5.37 4.30
C TYR F 43 74.70 6.68 4.26
N SER F 44 75.99 6.57 4.01
CA SER F 44 76.89 7.72 3.94
C SER F 44 76.56 8.69 2.79
N ARG F 45 76.20 8.15 1.64
CA ARG F 45 75.86 8.97 0.48
C ARG F 45 74.58 9.75 0.74
N VAL F 46 73.59 9.09 1.35
CA VAL F 46 72.33 9.76 1.67
C VAL F 46 72.60 10.92 2.63
N LYS F 47 73.41 10.66 3.66
CA LYS F 47 73.75 11.64 4.67
C LYS F 47 74.49 12.83 4.08
N ASN F 48 75.41 12.53 3.18
CA ASN F 48 76.20 13.55 2.49
C ASN F 48 75.31 14.54 1.76
N LYS F 49 74.37 14.02 0.98
CA LYS F 49 73.45 14.84 0.20
C LYS F 49 72.41 15.53 1.08
N PHE F 50 71.76 14.76 1.94
CA PHE F 50 70.74 15.27 2.84
C PHE F 50 71.30 16.35 3.77
N ASP F 51 72.42 16.07 4.41
CA ASP F 51 73.00 17.05 5.34
C ASP F 51 73.37 18.34 4.65
N PHE F 52 73.94 18.25 3.47
CA PHE F 52 74.33 19.45 2.74
C PHE F 52 73.16 20.39 2.44
N VAL F 53 72.06 19.81 1.98
CA VAL F 53 70.88 20.60 1.65
C VAL F 53 70.12 21.18 2.83
N MET F 54 69.81 20.36 3.82
CA MET F 54 69.06 20.89 4.95
C MET F 54 69.96 21.59 5.96
N ASP F 55 71.15 21.05 6.14
CA ASP F 55 72.09 21.61 7.10
C ASP F 55 73.07 22.59 6.47
N ASP F 56 72.52 23.50 5.68
CA ASP F 56 73.30 24.51 4.99
C ASP F 56 72.33 25.18 4.04
N SER F 57 71.28 25.74 4.60
CA SER F 57 70.24 26.42 3.82
C SER F 57 69.33 26.91 4.93
N GLY F 58 69.79 26.65 6.15
CA GLY F 58 69.12 27.08 7.35
C GLY F 58 67.84 26.34 7.68
N VAL F 59 67.40 25.36 6.89
CA VAL F 59 66.16 24.71 7.24
C VAL F 59 66.19 23.71 8.41
N LYS F 60 67.27 23.67 9.17
CA LYS F 60 67.31 22.76 10.33
C LYS F 60 67.46 23.70 11.53
N ASN F 61 68.27 24.72 11.31
CA ASN F 61 68.54 25.79 12.27
C ASN F 61 67.24 26.57 12.44
N ASN F 62 66.45 26.65 11.36
CA ASN F 62 65.18 27.38 11.39
C ASN F 62 64.12 26.59 12.20
N PRO F 63 63.91 25.31 11.85
CA PRO F 63 62.92 24.48 12.54
C PRO F 63 63.25 24.36 14.00
N ILE F 64 64.52 24.09 14.28
CA ILE F 64 64.98 23.96 15.66
C ILE F 64 64.77 25.27 16.41
N GLY F 65 65.08 26.37 15.76
CA GLY F 65 64.92 27.66 16.39
C GLY F 65 63.49 27.88 16.84
N LYS F 66 62.53 27.55 15.98
CA LYS F 66 61.13 27.70 16.30
C LYS F 66 60.75 26.79 17.46
N ALA F 67 61.26 25.57 17.41
CA ALA F 67 60.98 24.61 18.47
C ALA F 67 61.47 25.18 19.79
N ILE F 68 62.63 25.81 19.77
CA ILE F 68 63.20 26.40 20.98
C ILE F 68 62.38 27.59 21.47
N THR F 69 61.83 28.36 20.54
CA THR F 69 61.00 29.49 20.91
C THR F 69 59.75 28.96 21.59
N ILE F 70 59.30 27.80 21.13
CA ILE F 70 58.11 27.18 21.70
C ILE F 70 58.42 26.58 23.08
N ASP F 71 59.56 25.93 23.23
CA ASP F 71 59.89 25.36 24.52
C ASP F 71 60.06 26.42 25.60
N GLN F 72 60.58 27.59 25.23
CA GLN F 72 60.75 28.65 26.22
C GLN F 72 59.41 29.14 26.72
N ALA F 73 58.46 29.29 25.80
CA ALA F 73 57.12 29.75 26.16
C ALA F 73 56.44 28.73 27.07
N LEU F 74 56.63 27.45 26.76
CA LEU F 74 56.04 26.37 27.55
C LEU F 74 56.72 26.31 28.90
N ASN F 75 58.04 26.47 28.89
CA ASN F 75 58.83 26.42 30.11
C ASN F 75 58.50 27.60 31.01
N ASP F 90 62.74 11.64 32.53
CA ASP F 90 62.88 12.74 31.55
C ASP F 90 62.04 12.48 30.29
N THR F 91 62.33 13.23 29.23
CA THR F 91 61.61 13.11 27.98
C THR F 91 62.51 12.57 26.87
N SER F 92 63.82 12.58 27.13
CA SER F 92 64.80 12.11 26.15
C SER F 92 64.54 10.69 25.64
N ARG F 93 64.37 9.76 26.57
CA ARG F 93 64.12 8.38 26.20
C ARG F 93 62.87 8.27 25.32
N PRO F 94 61.75 8.85 25.76
CA PRO F 94 60.55 8.78 24.94
C PRO F 94 60.64 9.94 23.96
N ALA F 95 61.21 9.65 22.81
CA ALA F 95 61.42 10.62 21.73
C ALA F 95 62.34 9.84 20.81
N LYS F 96 63.31 9.17 21.42
CA LYS F 96 64.23 8.30 20.69
C LYS F 96 63.36 7.12 20.27
N LEU F 97 62.62 6.58 21.23
CA LEU F 97 61.72 5.45 20.99
C LEU F 97 60.63 5.84 19.98
N ASP F 98 60.25 7.11 19.99
CA ASP F 98 59.24 7.58 19.05
C ASP F 98 59.88 7.51 17.65
N GLU F 99 61.13 7.94 17.55
CA GLU F 99 61.84 7.90 16.28
C GLU F 99 62.10 6.47 15.82
N ASP F 100 62.39 5.57 16.75
CA ASP F 100 62.65 4.18 16.39
C ASP F 100 61.40 3.52 15.82
N VAL F 101 60.24 3.90 16.33
CA VAL F 101 58.97 3.37 15.85
C VAL F 101 58.78 3.72 14.38
N ASN F 102 59.12 4.95 14.00
CA ASN F 102 59.00 5.36 12.60
C ASN F 102 59.97 4.58 11.72
N LYS F 103 61.19 4.39 12.23
CA LYS F 103 62.23 3.69 11.50
C LYS F 103 61.87 2.23 11.25
N LEU F 104 61.51 1.52 12.31
CA LEU F 104 61.14 0.12 12.18
C LEU F 104 59.96 -0.07 11.21
N ARG F 105 58.91 0.74 11.37
CA ARG F 105 57.73 0.68 10.51
C ARG F 105 58.13 0.77 9.05
N MET F 106 58.94 1.78 8.74
CA MET F 106 59.42 2.00 7.37
C MET F 106 60.30 0.84 6.88
N MET F 107 61.18 0.35 7.74
CA MET F 107 62.07 -0.76 7.37
C MET F 107 61.22 -1.95 6.98
N LEU F 108 60.20 -2.20 7.79
CA LEU F 108 59.28 -3.31 7.55
C LEU F 108 58.47 -3.04 6.29
N SER F 109 57.92 -1.84 6.20
CA SER F 109 57.12 -1.45 5.04
C SER F 109 57.86 -1.76 3.74
N SER F 110 59.13 -1.34 3.68
CA SER F 110 59.94 -1.53 2.49
C SER F 110 60.11 -2.99 2.08
N LYS F 111 60.03 -3.90 3.05
CA LYS F 111 60.20 -5.32 2.77
C LYS F 111 58.93 -6.02 2.32
N GLY F 112 57.84 -5.28 2.22
CA GLY F 112 56.59 -5.87 1.78
C GLY F 112 55.65 -6.24 2.90
N ILE F 113 55.99 -5.86 4.12
CA ILE F 113 55.16 -6.13 5.28
C ILE F 113 54.44 -4.81 5.58
N ASP F 114 53.33 -4.58 4.88
CA ASP F 114 52.58 -3.35 5.04
C ASP F 114 51.93 -3.19 6.41
N GLN F 115 51.16 -2.11 6.55
CA GLN F 115 50.49 -1.79 7.81
C GLN F 115 49.48 -2.81 8.31
N LYS F 116 48.68 -3.39 7.42
CA LYS F 116 47.69 -4.37 7.84
C LYS F 116 48.40 -5.50 8.58
N MET F 117 49.51 -5.97 8.02
CA MET F 117 50.25 -7.05 8.66
C MET F 117 50.81 -6.62 10.00
N ARG F 118 51.49 -5.47 10.03
CA ARG F 118 52.10 -4.96 11.25
C ARG F 118 51.08 -4.69 12.37
N VAL F 119 49.98 -4.02 12.04
CA VAL F 119 48.97 -3.72 13.06
C VAL F 119 48.39 -4.99 13.65
N LEU F 120 47.87 -5.88 12.80
CA LEU F 120 47.28 -7.11 13.28
C LEU F 120 48.26 -8.02 14.02
N ASN F 121 49.46 -8.18 13.50
CA ASN F 121 50.44 -9.05 14.17
C ASN F 121 50.84 -8.50 15.54
N ALA F 122 50.83 -7.17 15.67
CA ALA F 122 51.19 -6.55 16.94
C ALA F 122 50.02 -6.52 17.90
N CYS F 123 48.80 -6.56 17.37
CA CYS F 123 47.61 -6.51 18.21
C CYS F 123 47.04 -7.88 18.59
N PHE F 124 47.49 -8.93 17.93
CA PHE F 124 46.97 -10.25 18.22
C PHE F 124 47.98 -11.38 18.18
N SER F 125 47.74 -12.38 19.01
CA SER F 125 48.55 -13.59 19.07
C SER F 125 47.53 -14.61 18.63
N VAL F 126 47.93 -15.53 17.76
CA VAL F 126 47.01 -16.55 17.27
C VAL F 126 47.62 -17.93 17.49
N LYS F 127 46.81 -18.88 17.96
CA LYS F 127 47.33 -20.21 18.19
C LYS F 127 46.54 -21.30 17.49
N ARG F 128 47.22 -22.40 17.22
CA ARG F 128 46.66 -23.57 16.54
C ARG F 128 45.45 -24.24 17.19
N ILE F 129 45.60 -24.64 18.45
CA ILE F 129 44.57 -25.38 19.20
C ILE F 129 44.60 -26.83 18.73
N PRO F 130 45.47 -27.66 19.32
CA PRO F 130 45.73 -29.08 19.07
C PRO F 130 44.70 -29.95 18.34
N GLY F 131 43.88 -30.67 19.09
CA GLY F 131 42.91 -31.56 18.47
C GLY F 131 41.66 -30.89 17.93
N LYS F 132 41.83 -29.76 17.24
CA LYS F 132 40.69 -29.04 16.69
C LYS F 132 41.04 -28.36 15.37
N SER F 133 40.01 -27.97 14.63
CA SER F 133 40.19 -27.31 13.35
C SER F 133 39.81 -25.84 13.50
N SER F 134 40.44 -25.17 14.44
CA SER F 134 40.17 -23.76 14.69
C SER F 134 41.40 -23.13 15.30
N SER F 135 41.37 -21.82 15.50
CA SER F 135 42.49 -21.11 16.08
C SER F 135 42.04 -20.26 17.25
N ILE F 136 42.97 -19.97 18.14
CA ILE F 136 42.71 -19.14 19.31
C ILE F 136 43.33 -17.76 19.09
N ILE F 137 42.50 -16.73 19.24
CA ILE F 137 42.93 -15.34 19.08
C ILE F 137 42.86 -14.64 20.43
N LYS F 138 43.91 -13.90 20.76
CA LYS F 138 43.96 -13.18 22.02
C LYS F 138 44.54 -11.80 21.80
N CYS F 139 44.02 -10.82 22.54
CA CYS F 139 44.49 -9.45 22.45
C CYS F 139 45.81 -9.29 23.20
N THR F 140 46.73 -8.50 22.64
CA THR F 140 48.02 -8.22 23.29
C THR F 140 47.79 -6.89 24.05
N LYS F 141 48.80 -6.40 24.76
CA LYS F 141 48.64 -5.14 25.50
C LYS F 141 48.35 -3.96 24.57
N LEU F 142 48.90 -4.00 23.35
CA LEU F 142 48.70 -2.92 22.38
C LEU F 142 47.24 -2.85 21.96
N MET F 143 46.63 -4.01 21.76
CA MET F 143 45.23 -4.06 21.35
C MET F 143 44.36 -3.55 22.50
N ARG F 144 44.69 -4.00 23.71
CA ARG F 144 43.96 -3.57 24.89
C ARG F 144 43.98 -2.05 25.00
N ASP F 145 45.13 -1.42 24.78
CA ASP F 145 45.21 0.03 24.86
C ASP F 145 44.39 0.70 23.77
N LYS F 146 44.28 0.05 22.62
CA LYS F 146 43.47 0.61 21.54
C LYS F 146 42.02 0.61 21.99
N LEU F 147 41.58 -0.48 22.61
CA LEU F 147 40.20 -0.58 23.10
C LEU F 147 39.94 0.55 24.08
N GLU F 148 40.86 0.75 25.02
CA GLU F 148 40.75 1.81 26.00
C GLU F 148 40.69 3.14 25.26
N ARG F 149 40.91 3.08 23.95
CA ARG F 149 40.86 4.26 23.08
C ARG F 149 39.80 4.06 21.99
N GLY F 150 40.16 3.45 20.85
CA GLY F 150 39.17 3.26 19.80
C GLY F 150 39.34 2.21 18.71
N GLU F 151 38.39 1.28 18.65
CA GLU F 151 38.37 0.21 17.64
C GLU F 151 36.95 0.20 17.08
N VAL F 152 36.83 0.20 15.75
CA VAL F 152 35.54 0.24 15.07
C VAL F 152 34.69 -1.02 15.17
N GLU F 153 33.43 -0.83 15.55
CA GLU F 153 32.50 -1.94 15.68
C GLU F 153 31.76 -2.15 14.36
N THR G 7 -42.89 -8.19 3.70
CA THR G 7 -43.22 -7.05 4.60
C THR G 7 -42.98 -5.72 3.87
N GLN G 8 -41.82 -5.60 3.24
CA GLN G 8 -41.49 -4.39 2.51
C GLN G 8 -42.51 -4.20 1.41
N GLN G 9 -42.93 -5.30 0.81
CA GLN G 9 -43.93 -5.29 -0.25
C GLN G 9 -45.27 -4.83 0.32
N MET G 10 -45.56 -5.27 1.55
CA MET G 10 -46.79 -4.88 2.23
C MET G 10 -46.78 -3.41 2.62
N ALA G 11 -45.61 -2.90 3.02
CA ALA G 11 -45.52 -1.49 3.38
C ALA G 11 -45.85 -0.70 2.12
N VAL G 12 -45.21 -1.08 1.01
CA VAL G 12 -45.43 -0.44 -0.27
C VAL G 12 -46.93 -0.46 -0.54
N SER G 13 -47.53 -1.63 -0.33
CA SER G 13 -48.96 -1.81 -0.54
C SER G 13 -49.77 -0.85 0.33
N ILE G 14 -49.41 -0.76 1.61
CA ILE G 14 -50.09 0.11 2.55
C ILE G 14 -50.02 1.58 2.12
N ILE G 15 -48.83 2.01 1.74
CA ILE G 15 -48.61 3.38 1.29
C ILE G 15 -49.51 3.72 0.08
N ASN G 16 -49.61 2.80 -0.86
CA ASN G 16 -50.46 3.01 -2.03
C ASN G 16 -51.94 3.08 -1.67
N SER G 17 -52.37 2.18 -0.79
CA SER G 17 -53.75 2.16 -0.35
C SER G 17 -54.05 3.52 0.29
N SER G 18 -53.05 4.09 0.95
CA SER G 18 -53.18 5.39 1.59
C SER G 18 -53.43 6.47 0.54
N PHE G 19 -52.70 6.39 -0.56
CA PHE G 19 -52.88 7.34 -1.65
C PHE G 19 -54.30 7.20 -2.22
N GLU G 20 -54.75 5.96 -2.41
CA GLU G 20 -56.09 5.72 -2.92
C GLU G 20 -57.13 6.32 -1.99
N ALA G 21 -56.85 6.27 -0.70
CA ALA G 21 -57.75 6.80 0.30
C ALA G 21 -57.85 8.31 0.19
N ALA G 22 -56.71 8.99 0.08
CA ALA G 22 -56.72 10.44 -0.04
C ALA G 22 -57.49 10.91 -1.27
N VAL G 23 -57.41 10.15 -2.35
CA VAL G 23 -58.10 10.48 -3.59
C VAL G 23 -59.62 10.31 -3.42
N VAL G 24 -60.04 9.17 -2.89
CA VAL G 24 -61.47 8.92 -2.69
C VAL G 24 -62.06 9.95 -1.73
N ALA G 25 -61.26 10.35 -0.74
CA ALA G 25 -61.70 11.34 0.24
C ALA G 25 -61.92 12.68 -0.46
N ALA G 26 -60.92 13.09 -1.23
CA ALA G 26 -60.97 14.34 -1.96
C ALA G 26 -62.13 14.33 -2.94
N THR G 27 -62.11 13.32 -3.80
CA THR G 27 -63.13 13.17 -4.82
C THR G 27 -64.55 13.11 -4.24
N SER G 28 -64.74 12.35 -3.17
CA SER G 28 -66.08 12.24 -2.59
C SER G 28 -66.46 13.51 -1.81
N ALA G 29 -65.47 14.30 -1.41
CA ALA G 29 -65.78 15.51 -0.69
C ALA G 29 -66.39 16.49 -1.70
N LEU G 30 -65.76 16.64 -2.86
CA LEU G 30 -66.30 17.53 -3.88
C LEU G 30 -67.75 17.18 -4.23
N GLU G 31 -68.03 15.90 -4.48
CA GLU G 31 -69.38 15.48 -4.84
C GLU G 31 -70.43 15.74 -3.76
N ASN G 32 -70.11 15.40 -2.52
CA ASN G 32 -71.06 15.61 -1.43
C ASN G 32 -71.36 17.10 -1.24
N MET G 33 -70.44 17.95 -1.66
CA MET G 33 -70.58 19.40 -1.53
C MET G 33 -71.08 20.04 -2.83
N GLY G 34 -71.61 19.23 -3.73
CA GLY G 34 -72.13 19.77 -4.98
C GLY G 34 -71.14 20.51 -5.86
N ILE G 35 -69.88 20.09 -5.85
CA ILE G 35 -68.85 20.72 -6.65
C ILE G 35 -68.39 19.78 -7.75
N GLU G 36 -68.42 20.27 -8.99
CA GLU G 36 -67.98 19.49 -10.14
C GLU G 36 -66.47 19.31 -10.14
N TYR G 37 -65.99 18.28 -10.84
CA TYR G 37 -64.57 18.00 -10.90
C TYR G 37 -64.29 16.87 -11.89
N ASP G 38 -63.09 16.86 -12.45
CA ASP G 38 -62.70 15.80 -13.37
C ASP G 38 -61.81 14.82 -12.60
N TYR G 39 -62.15 13.54 -12.66
CA TYR G 39 -61.39 12.52 -11.95
C TYR G 39 -59.90 12.69 -12.14
N GLN G 40 -59.47 12.68 -13.41
CA GLN G 40 -58.05 12.83 -13.74
C GLN G 40 -57.42 14.07 -13.11
N ASP G 41 -58.18 15.17 -13.09
CA ASP G 41 -57.66 16.40 -12.52
C ASP G 41 -57.37 16.21 -11.03
N ILE G 42 -58.38 15.77 -10.28
CA ILE G 42 -58.19 15.55 -8.87
C ILE G 42 -57.22 14.42 -8.58
N TYR G 43 -57.18 13.42 -9.45
CA TYR G 43 -56.26 12.31 -9.25
C TYR G 43 -54.84 12.86 -9.30
N SER G 44 -54.53 13.60 -10.36
CA SER G 44 -53.22 14.20 -10.54
C SER G 44 -52.80 15.15 -9.42
N ARG G 45 -53.76 15.92 -8.91
CA ARG G 45 -53.47 16.88 -7.84
C ARG G 45 -53.05 16.23 -6.52
N VAL G 46 -53.84 15.25 -6.10
CA VAL G 46 -53.59 14.53 -4.86
C VAL G 46 -52.27 13.75 -4.94
N LYS G 47 -51.97 13.24 -6.12
CA LYS G 47 -50.77 12.45 -6.37
C LYS G 47 -49.51 13.32 -6.26
N ASN G 48 -49.55 14.50 -6.86
CA ASN G 48 -48.41 15.41 -6.78
C ASN G 48 -48.11 15.71 -5.33
N LYS G 49 -49.16 16.01 -4.57
CA LYS G 49 -49.03 16.32 -3.16
C LYS G 49 -48.55 15.12 -2.36
N PHE G 50 -49.22 13.99 -2.55
CA PHE G 50 -48.86 12.76 -1.84
C PHE G 50 -47.40 12.37 -2.11
N ASP G 51 -47.02 12.37 -3.38
CA ASP G 51 -45.66 12.00 -3.75
C ASP G 51 -44.65 12.98 -3.17
N PHE G 52 -44.94 14.27 -3.26
CA PHE G 52 -44.01 15.24 -2.73
C PHE G 52 -43.89 15.16 -1.21
N VAL G 53 -45.03 15.02 -0.53
CA VAL G 53 -45.03 14.93 0.90
C VAL G 53 -44.31 13.68 1.39
N MET G 54 -44.61 12.53 0.78
CA MET G 54 -43.97 11.28 1.19
C MET G 54 -42.47 11.26 0.93
N ASP G 55 -42.05 11.91 -0.15
CA ASP G 55 -40.63 11.96 -0.51
C ASP G 55 -39.91 13.06 0.27
N ASP G 56 -40.40 14.29 0.15
CA ASP G 56 -39.78 15.41 0.86
C ASP G 56 -39.66 15.18 2.38
N SER G 57 -40.69 14.59 2.98
CA SER G 57 -40.71 14.33 4.42
C SER G 57 -39.77 13.21 4.86
N GLY G 58 -39.30 12.41 3.90
CA GLY G 58 -38.41 11.31 4.22
C GLY G 58 -39.20 10.19 4.89
N VAL G 59 -40.52 10.38 4.94
CA VAL G 59 -41.39 9.39 5.56
C VAL G 59 -41.54 8.13 4.73
N LYS G 60 -41.42 8.22 3.41
CA LYS G 60 -41.56 7.00 2.63
C LYS G 60 -40.39 6.08 2.98
N ASN G 61 -39.19 6.65 3.06
CA ASN G 61 -37.98 5.90 3.41
C ASN G 61 -38.04 5.31 4.82
N ASN G 62 -38.70 6.01 5.73
CA ASN G 62 -38.82 5.57 7.13
C ASN G 62 -39.54 4.20 7.28
N PRO G 63 -40.78 4.06 6.75
CA PRO G 63 -41.59 2.85 6.79
C PRO G 63 -41.01 1.70 6.03
N ILE G 64 -40.62 1.96 4.77
CA ILE G 64 -40.01 0.93 3.95
C ILE G 64 -38.77 0.42 4.68
N GLY G 65 -38.00 1.35 5.24
CA GLY G 65 -36.81 0.96 6.00
C GLY G 65 -37.19 0.09 7.18
N LYS G 66 -38.23 0.49 7.91
CA LYS G 66 -38.68 -0.29 9.07
C LYS G 66 -39.18 -1.63 8.56
N ALA G 67 -39.92 -1.61 7.45
CA ALA G 67 -40.43 -2.83 6.84
C ALA G 67 -39.26 -3.80 6.60
N ILE G 68 -38.19 -3.29 5.99
CA ILE G 68 -37.03 -4.12 5.70
C ILE G 68 -36.42 -4.71 6.97
N THR G 69 -36.38 -3.91 8.03
CA THR G 69 -35.84 -4.39 9.29
C THR G 69 -36.61 -5.61 9.74
N ILE G 70 -37.93 -5.59 9.54
CA ILE G 70 -38.76 -6.73 9.94
C ILE G 70 -38.47 -7.95 9.07
N ASP G 71 -38.29 -7.73 7.77
CA ASP G 71 -37.99 -8.83 6.87
C ASP G 71 -36.70 -9.53 7.33
N GLN G 72 -35.67 -8.74 7.59
CA GLN G 72 -34.40 -9.27 8.06
C GLN G 72 -34.57 -10.05 9.36
N ALA G 73 -35.36 -9.51 10.29
CA ALA G 73 -35.57 -10.20 11.55
C ALA G 73 -36.25 -11.55 11.27
N LEU G 74 -37.08 -11.58 10.23
CA LEU G 74 -37.78 -12.80 9.85
C LEU G 74 -36.81 -13.79 9.18
N ASN G 75 -35.73 -13.27 8.64
CA ASN G 75 -34.70 -14.09 8.00
C ASN G 75 -33.60 -14.38 9.02
N ASN G 76 -33.93 -14.24 10.30
CA ASN G 76 -32.99 -14.48 11.41
C ASN G 76 -31.84 -13.48 11.54
N LYS G 77 -32.06 -12.25 11.09
CA LYS G 77 -31.07 -11.18 11.19
C LYS G 77 -31.72 -10.10 12.07
N PHE G 78 -31.76 -10.32 13.38
CA PHE G 78 -32.39 -9.36 14.29
C PHE G 78 -31.54 -8.13 14.61
N GLY G 79 -30.36 -8.05 14.01
CA GLY G 79 -29.49 -6.91 14.25
C GLY G 79 -30.21 -5.56 14.20
N SER G 80 -31.04 -5.37 13.18
CA SER G 80 -31.76 -4.12 13.05
C SER G 80 -32.93 -4.02 14.03
N ALA G 81 -33.68 -5.11 14.17
CA ALA G 81 -34.81 -5.12 15.10
C ALA G 81 -34.24 -4.78 16.47
N ILE G 82 -33.07 -5.34 16.78
CA ILE G 82 -32.40 -5.08 18.04
C ILE G 82 -32.00 -3.61 18.09
N ARG G 83 -31.55 -3.06 16.98
CA ARG G 83 -31.21 -1.65 16.95
C ARG G 83 -32.46 -0.82 17.22
N ASN G 84 -33.62 -1.30 16.75
CA ASN G 84 -34.87 -0.60 16.96
C ASN G 84 -35.26 -0.55 18.44
N ARG G 85 -35.20 -1.70 19.11
CA ARG G 85 -35.54 -1.76 20.53
C ARG G 85 -34.63 -0.83 21.34
N ASN G 86 -33.33 -0.93 21.13
CA ASN G 86 -32.37 -0.11 21.86
C ASN G 86 -32.63 1.37 21.67
N TRP G 87 -32.89 1.77 20.43
CA TRP G 87 -33.16 3.17 20.09
C TRP G 87 -34.35 3.69 20.91
N LEU G 88 -35.49 3.00 20.76
CA LEU G 88 -36.70 3.39 21.47
C LEU G 88 -36.49 3.34 22.99
N ALA G 89 -35.57 2.49 23.44
CA ALA G 89 -35.29 2.34 24.87
C ALA G 89 -34.28 3.34 25.44
N ASP G 90 -33.50 3.99 24.57
CA ASP G 90 -32.52 4.97 25.02
C ASP G 90 -33.13 5.91 26.03
N THR G 91 -32.48 6.04 27.19
CA THR G 91 -32.98 6.91 28.25
C THR G 91 -33.35 8.29 27.75
N SER G 92 -32.61 8.80 26.77
CA SER G 92 -32.85 10.13 26.24
C SER G 92 -33.69 10.21 24.97
N ARG G 93 -34.13 9.06 24.44
CA ARG G 93 -34.91 9.05 23.22
C ARG G 93 -36.05 10.07 23.23
N PRO G 94 -36.91 10.03 24.26
CA PRO G 94 -38.03 10.96 24.35
C PRO G 94 -37.62 12.41 24.29
N ALA G 95 -36.53 12.74 24.98
CA ALA G 95 -36.05 14.12 24.99
C ALA G 95 -35.66 14.54 23.57
N LYS G 96 -34.92 13.65 22.88
CA LYS G 96 -34.46 13.88 21.52
C LYS G 96 -35.60 14.03 20.52
N LEU G 97 -36.57 13.13 20.57
CA LEU G 97 -37.68 13.23 19.64
C LEU G 97 -38.50 14.43 20.04
N ASP G 98 -38.60 14.66 21.34
CA ASP G 98 -39.36 15.78 21.85
C ASP G 98 -38.81 17.09 21.34
N GLU G 99 -37.49 17.21 21.33
CA GLU G 99 -36.84 18.44 20.85
C GLU G 99 -37.10 18.56 19.35
N ASP G 100 -36.99 17.44 18.65
CA ASP G 100 -37.23 17.37 17.22
C ASP G 100 -38.66 17.84 16.93
N VAL G 101 -39.63 17.19 17.55
CA VAL G 101 -41.02 17.54 17.36
C VAL G 101 -41.31 19.01 17.61
N ASN G 102 -40.74 19.55 18.69
CA ASN G 102 -40.94 20.94 19.05
C ASN G 102 -40.52 21.88 17.93
N LYS G 103 -39.27 21.75 17.47
CA LYS G 103 -38.79 22.60 16.38
C LYS G 103 -39.83 22.58 15.26
N LEU G 104 -40.15 21.38 14.79
CA LEU G 104 -41.12 21.19 13.72
C LEU G 104 -42.45 21.93 13.94
N ARG G 105 -42.99 21.83 15.15
CA ARG G 105 -44.24 22.48 15.47
C ARG G 105 -44.16 24.00 15.53
N MET G 106 -42.99 24.52 15.87
CA MET G 106 -42.83 25.96 15.95
C MET G 106 -42.85 26.52 14.51
N MET G 107 -42.48 25.68 13.56
CA MET G 107 -42.46 26.07 12.14
C MET G 107 -43.84 26.21 11.54
N LEU G 108 -44.80 25.43 12.03
CA LEU G 108 -46.16 25.51 11.50
C LEU G 108 -46.74 26.90 11.70
N GLY G 112 -42.60 33.73 8.78
CA GLY G 112 -41.21 34.25 8.91
C GLY G 112 -40.18 33.29 8.35
N ILE G 113 -39.00 33.29 8.96
CA ILE G 113 -37.91 32.40 8.55
C ILE G 113 -37.24 32.77 7.23
N ASP G 114 -37.77 33.75 6.50
CA ASP G 114 -37.17 34.16 5.23
C ASP G 114 -35.74 34.65 5.37
N GLN G 115 -35.54 35.60 6.28
CA GLN G 115 -34.23 36.18 6.50
C GLN G 115 -33.28 35.09 6.95
N LYS G 116 -33.73 34.32 7.93
CA LYS G 116 -32.95 33.22 8.49
C LYS G 116 -32.47 32.27 7.40
N MET G 117 -33.39 31.87 6.52
CA MET G 117 -33.06 30.96 5.44
C MET G 117 -32.05 31.53 4.48
N ARG G 118 -32.22 32.80 4.14
CA ARG G 118 -31.30 33.47 3.22
C ARG G 118 -29.87 33.31 3.71
N VAL G 119 -29.66 33.58 4.99
CA VAL G 119 -28.33 33.46 5.57
C VAL G 119 -27.92 31.99 5.58
N LEU G 120 -28.83 31.13 6.04
CA LEU G 120 -28.57 29.69 6.09
C LEU G 120 -28.35 29.05 4.71
N ASN G 121 -29.15 29.42 3.72
CA ASN G 121 -28.98 28.86 2.38
C ASN G 121 -27.64 29.22 1.74
N ALA G 122 -27.02 30.31 2.18
CA ALA G 122 -25.74 30.74 1.61
C ALA G 122 -24.55 30.08 2.30
N CYS G 123 -24.81 29.36 3.39
CA CYS G 123 -23.71 28.72 4.10
C CYS G 123 -23.84 27.21 4.21
N PHE G 124 -25.05 26.70 4.04
CA PHE G 124 -25.26 25.26 4.15
C PHE G 124 -26.06 24.62 3.03
N SER G 125 -25.73 23.36 2.77
CA SER G 125 -26.40 22.56 1.75
C SER G 125 -27.04 21.37 2.45
N VAL G 126 -28.26 21.02 2.05
CA VAL G 126 -28.97 19.89 2.65
C VAL G 126 -29.06 18.70 1.71
N LYS G 127 -28.54 17.56 2.16
CA LYS G 127 -28.54 16.34 1.35
C LYS G 127 -29.17 15.14 2.05
N ARG G 128 -29.27 14.03 1.31
CA ARG G 128 -29.85 12.82 1.85
C ARG G 128 -29.17 11.55 1.36
N ILE G 129 -28.79 10.69 2.30
CA ILE G 129 -28.17 9.42 1.96
C ILE G 129 -29.30 8.50 1.53
N PRO G 130 -29.25 7.99 0.29
CA PRO G 130 -30.27 7.10 -0.27
C PRO G 130 -30.88 6.12 0.73
N GLY G 131 -32.21 6.10 0.79
CA GLY G 131 -32.90 5.20 1.70
C GLY G 131 -33.08 5.75 3.11
N LYS G 132 -32.37 6.82 3.47
CA LYS G 132 -32.50 7.37 4.82
C LYS G 132 -33.59 8.42 4.98
N SER G 133 -34.09 8.54 6.22
CA SER G 133 -35.14 9.51 6.52
C SER G 133 -34.50 10.77 7.08
N SER G 134 -33.30 10.65 7.64
CA SER G 134 -32.60 11.79 8.19
C SER G 134 -31.91 12.54 7.06
N SER G 135 -31.20 13.60 7.42
CA SER G 135 -30.52 14.42 6.43
C SER G 135 -29.02 14.48 6.64
N ILE G 136 -28.35 15.12 5.69
CA ILE G 136 -26.90 15.32 5.76
C ILE G 136 -26.74 16.81 5.54
N ILE G 137 -25.91 17.46 6.36
CA ILE G 137 -25.67 18.88 6.19
C ILE G 137 -24.25 19.03 5.67
N LYS G 138 -24.12 19.76 4.56
CA LYS G 138 -22.82 19.96 3.94
C LYS G 138 -22.36 21.43 3.96
N CYS G 139 -21.09 21.64 4.30
CA CYS G 139 -20.49 22.98 4.35
C CYS G 139 -18.98 22.90 4.13
N THR G 140 -18.28 24.02 4.32
CA THR G 140 -16.84 24.07 4.16
C THR G 140 -16.19 23.67 5.48
N LYS G 141 -14.94 23.23 5.46
CA LYS G 141 -14.26 22.86 6.69
C LYS G 141 -14.14 24.10 7.56
N LEU G 142 -13.91 25.25 6.92
CA LEU G 142 -13.79 26.51 7.64
C LEU G 142 -15.05 26.74 8.46
N MET G 143 -16.20 26.60 7.83
CA MET G 143 -17.46 26.77 8.54
C MET G 143 -17.60 25.69 9.62
N ARG G 144 -17.43 24.43 9.22
CA ARG G 144 -17.54 23.31 10.14
C ARG G 144 -16.72 23.51 11.42
N ASP G 145 -15.42 23.76 11.27
CA ASP G 145 -14.54 23.98 12.41
C ASP G 145 -15.00 25.21 13.20
N LYS G 146 -15.37 26.26 12.48
CA LYS G 146 -15.84 27.48 13.13
C LYS G 146 -17.08 27.14 13.94
N LEU G 147 -17.91 26.27 13.39
CA LEU G 147 -19.15 25.84 14.05
C LEU G 147 -18.78 25.02 15.27
N GLU G 148 -17.89 24.06 15.08
CA GLU G 148 -17.44 23.20 16.17
C GLU G 148 -16.51 24.01 17.07
N ARG G 149 -17.02 25.16 17.51
CA ARG G 149 -16.27 26.05 18.39
C ARG G 149 -17.27 26.99 19.05
N GLY G 150 -18.31 27.34 18.31
CA GLY G 150 -19.34 28.22 18.84
C GLY G 150 -20.01 29.09 17.79
N GLU G 151 -20.66 30.14 18.25
CA GLU G 151 -21.36 31.08 17.38
C GLU G 151 -20.51 31.51 16.17
N VAL G 152 -21.17 31.93 15.10
CA VAL G 152 -20.48 32.34 13.88
C VAL G 152 -21.14 33.50 13.13
N GLU G 153 -20.35 34.53 12.85
CA GLU G 153 -20.83 35.71 12.12
C GLU G 153 -20.63 35.45 10.63
N VAL G 154 -21.57 35.88 9.80
CA VAL G 154 -21.47 35.63 8.36
C VAL G 154 -21.22 36.82 7.44
N ASP G 155 -21.54 38.02 7.89
CA ASP G 155 -21.38 39.23 7.08
C ASP G 155 -22.49 39.25 6.03
N ASP G 156 -23.37 40.24 6.10
CA ASP G 156 -24.47 40.36 5.17
C ASP G 156 -23.97 40.42 3.73
N SER G 157 -22.69 40.77 3.58
CA SER G 157 -22.05 40.88 2.28
C SER G 157 -21.89 39.53 1.59
N PHE G 158 -21.33 38.57 2.32
CA PHE G 158 -21.11 37.23 1.80
C PHE G 158 -22.42 36.58 1.32
N VAL G 159 -23.46 36.69 2.12
CA VAL G 159 -24.76 36.11 1.77
C VAL G 159 -25.20 36.64 0.40
N ASP G 160 -25.25 37.97 0.28
CA ASP G 160 -25.64 38.61 -0.97
C ASP G 160 -24.79 38.09 -2.12
N GLU G 161 -23.50 37.91 -1.87
CA GLU G 161 -22.58 37.41 -2.89
C GLU G 161 -23.06 36.05 -3.40
N LYS G 162 -24.00 35.46 -2.67
CA LYS G 162 -24.58 34.17 -3.02
C LYS G 162 -26.09 34.27 -3.23
N MET G 163 -26.55 35.46 -3.64
CA MET G 163 -27.97 35.73 -3.87
C MET G 163 -28.78 35.76 -2.58
N GLY H 2 -39.79 -2.94 29.69
CA GLY H 2 -41.01 -2.31 29.11
C GLY H 2 -40.82 -2.00 27.64
N SER H 3 -39.91 -2.73 27.01
CA SER H 3 -39.63 -2.55 25.59
C SER H 3 -39.97 -3.81 24.78
N MET H 4 -40.51 -4.81 25.48
CA MET H 4 -40.87 -6.10 24.88
C MET H 4 -41.90 -6.03 23.74
N GLU H 5 -42.25 -4.84 23.30
CA GLU H 5 -43.21 -4.70 22.22
C GLU H 5 -42.69 -3.73 21.17
N SER H 6 -41.40 -3.42 21.28
CA SER H 6 -40.71 -2.51 20.39
C SER H 6 -41.04 -2.69 18.92
N THR H 7 -40.95 -3.93 18.44
CA THR H 7 -41.22 -4.22 17.03
C THR H 7 -42.65 -3.94 16.64
N GLN H 8 -43.60 -4.33 17.50
CA GLN H 8 -45.00 -4.10 17.20
C GLN H 8 -45.27 -2.59 17.14
N GLN H 9 -44.63 -1.83 18.05
CA GLN H 9 -44.84 -0.38 18.06
C GLN H 9 -44.35 0.25 16.76
N MET H 10 -43.13 -0.10 16.39
CA MET H 10 -42.52 0.39 15.16
C MET H 10 -43.36 0.00 13.95
N ALA H 11 -43.82 -1.25 13.94
CA ALA H 11 -44.61 -1.77 12.85
C ALA H 11 -45.90 -0.96 12.62
N VAL H 12 -46.55 -0.58 13.70
CA VAL H 12 -47.79 0.17 13.60
C VAL H 12 -47.62 1.58 13.00
N SER H 13 -46.43 2.15 13.13
CA SER H 13 -46.17 3.48 12.60
C SER H 13 -46.23 3.42 11.07
N ILE H 14 -46.13 2.21 10.52
CA ILE H 14 -46.20 2.06 9.08
C ILE H 14 -47.66 2.29 8.69
N ILE H 15 -48.58 1.68 9.45
CA ILE H 15 -50.00 1.84 9.17
C ILE H 15 -50.44 3.26 9.46
N ASN H 16 -50.09 3.74 10.65
CA ASN H 16 -50.46 5.08 11.11
C ASN H 16 -49.84 6.26 10.35
N SER H 17 -48.56 6.19 10.01
CA SER H 17 -47.95 7.29 9.27
C SER H 17 -48.54 7.36 7.86
N SER H 18 -48.80 6.20 7.27
CA SER H 18 -49.40 6.16 5.93
C SER H 18 -50.77 6.86 5.98
N PHE H 19 -51.55 6.54 7.01
CA PHE H 19 -52.88 7.12 7.20
C PHE H 19 -52.79 8.63 7.37
N GLU H 20 -51.80 9.09 8.12
CA GLU H 20 -51.61 10.51 8.34
C GLU H 20 -51.17 11.19 7.05
N ALA H 21 -50.42 10.49 6.22
CA ALA H 21 -49.95 11.08 4.95
C ALA H 21 -51.16 11.29 4.06
N ALA H 22 -52.12 10.36 4.16
CA ALA H 22 -53.33 10.42 3.36
C ALA H 22 -54.18 11.63 3.76
N VAL H 23 -54.41 11.82 5.06
CA VAL H 23 -55.19 12.96 5.52
C VAL H 23 -54.55 14.25 5.03
N VAL H 24 -53.24 14.37 5.20
CA VAL H 24 -52.48 15.57 4.81
C VAL H 24 -52.62 15.82 3.33
N ALA H 25 -52.41 14.80 2.52
CA ALA H 25 -52.52 14.93 1.08
C ALA H 25 -53.90 15.47 0.69
N ALA H 26 -54.95 14.78 1.11
CA ALA H 26 -56.31 15.15 0.79
C ALA H 26 -56.71 16.56 1.27
N THR H 27 -56.57 16.82 2.56
CA THR H 27 -56.94 18.14 3.07
C THR H 27 -56.11 19.22 2.39
N SER H 28 -54.82 18.95 2.20
CA SER H 28 -53.93 19.91 1.56
C SER H 28 -54.30 20.22 0.11
N ALA H 29 -54.68 19.18 -0.64
CA ALA H 29 -55.06 19.35 -2.05
C ALA H 29 -56.30 20.22 -2.21
N LEU H 30 -57.32 19.98 -1.39
CA LEU H 30 -58.55 20.75 -1.44
C LEU H 30 -58.27 22.19 -1.03
N GLU H 31 -57.34 22.36 -0.10
CA GLU H 31 -56.98 23.69 0.36
C GLU H 31 -56.35 24.48 -0.78
N ASN H 32 -55.44 23.86 -1.52
CA ASN H 32 -54.78 24.52 -2.64
C ASN H 32 -55.77 24.78 -3.75
N MET H 33 -56.88 24.07 -3.75
CA MET H 33 -57.89 24.28 -4.77
C MET H 33 -58.80 25.42 -4.33
N GLY H 34 -58.62 25.83 -3.07
CA GLY H 34 -59.41 26.91 -2.52
C GLY H 34 -60.74 26.40 -1.99
N ILE H 35 -61.03 25.13 -2.19
CA ILE H 35 -62.28 24.56 -1.72
C ILE H 35 -62.36 24.39 -0.21
N GLU H 36 -63.41 24.96 0.37
CA GLU H 36 -63.63 24.84 1.81
C GLU H 36 -64.02 23.40 2.06
N TYR H 37 -63.59 22.86 3.19
CA TYR H 37 -63.88 21.48 3.56
C TYR H 37 -63.87 21.38 5.09
N ASP H 38 -64.33 20.25 5.62
CA ASP H 38 -64.36 20.03 7.06
C ASP H 38 -63.32 18.93 7.35
N TYR H 39 -62.31 19.28 8.15
CA TYR H 39 -61.23 18.35 8.49
C TYR H 39 -61.73 16.99 8.98
N GLN H 40 -62.63 16.99 9.95
CA GLN H 40 -63.16 15.75 10.49
C GLN H 40 -63.80 14.91 9.39
N ASP H 41 -64.43 15.55 8.42
CA ASP H 41 -65.08 14.85 7.33
C ASP H 41 -64.05 14.21 6.40
N ILE H 42 -63.06 14.98 5.96
CA ILE H 42 -62.04 14.43 5.07
C ILE H 42 -61.31 13.30 5.81
N TYR H 43 -61.03 13.55 7.09
CA TYR H 43 -60.37 12.61 7.98
C TYR H 43 -61.15 11.29 8.01
N SER H 44 -62.45 11.41 8.24
CA SER H 44 -63.35 10.26 8.31
C SER H 44 -63.46 9.49 6.98
N ARG H 45 -63.40 10.20 5.87
CA ARG H 45 -63.48 9.55 4.57
C ARG H 45 -62.20 8.75 4.28
N VAL H 46 -61.04 9.30 4.62
CA VAL H 46 -59.79 8.58 4.39
C VAL H 46 -59.79 7.32 5.26
N LYS H 47 -60.17 7.47 6.52
CA LYS H 47 -60.21 6.35 7.45
C LYS H 47 -61.12 5.22 6.96
N ASN H 48 -62.31 5.59 6.49
CA ASN H 48 -63.28 4.62 5.98
C ASN H 48 -62.69 3.76 4.87
N LYS H 49 -62.08 4.43 3.89
CA LYS H 49 -61.47 3.75 2.74
C LYS H 49 -60.23 2.94 3.13
N PHE H 50 -59.29 3.61 3.78
CA PHE H 50 -58.04 3.02 4.23
C PHE H 50 -58.30 1.84 5.17
N ASP H 51 -59.15 2.05 6.17
CA ASP H 51 -59.44 0.99 7.13
C ASP H 51 -60.05 -0.24 6.48
N PHE H 52 -60.93 -0.03 5.51
CA PHE H 52 -61.55 -1.16 4.84
C PHE H 52 -60.51 -1.98 4.06
N VAL H 53 -59.66 -1.28 3.32
CA VAL H 53 -58.64 -1.93 2.50
C VAL H 53 -57.52 -2.67 3.26
N MET H 54 -56.88 -2.02 4.24
CA MET H 54 -55.80 -2.71 4.93
C MET H 54 -56.30 -3.58 6.09
N ASP H 55 -57.36 -3.12 6.72
CA ASP H 55 -57.92 -3.78 7.88
C ASP H 55 -59.10 -4.69 7.54
N ASP H 56 -58.91 -5.50 6.50
CA ASP H 56 -59.94 -6.42 6.02
C ASP H 56 -59.45 -6.93 4.67
N SER H 57 -58.33 -7.63 4.70
CA SER H 57 -57.70 -8.20 3.52
C SER H 57 -56.44 -8.82 4.13
N GLY H 58 -56.22 -8.51 5.40
CA GLY H 58 -55.09 -9.05 6.12
C GLY H 58 -53.81 -8.21 6.09
N VAL H 59 -53.88 -7.01 5.52
CA VAL H 59 -52.69 -6.17 5.44
C VAL H 59 -52.57 -5.22 6.62
N LYS H 60 -52.34 -5.82 7.79
CA LYS H 60 -52.17 -5.10 9.04
C LYS H 60 -52.04 -6.23 10.03
N ASN H 61 -52.95 -7.18 9.91
CA ASN H 61 -52.97 -8.36 10.76
C ASN H 61 -51.66 -9.10 10.44
N ASN H 62 -51.31 -9.13 9.17
CA ASN H 62 -50.11 -9.80 8.69
C ASN H 62 -48.87 -9.07 9.24
N PRO H 63 -48.79 -7.74 9.03
CA PRO H 63 -47.65 -6.97 9.53
C PRO H 63 -47.47 -7.08 11.02
N ILE H 64 -48.57 -6.90 11.76
CA ILE H 64 -48.53 -6.99 13.21
C ILE H 64 -48.07 -8.37 13.64
N GLY H 65 -48.59 -9.40 12.98
CA GLY H 65 -48.24 -10.78 13.29
C GLY H 65 -46.74 -11.00 13.22
N LYS H 66 -46.13 -10.56 12.13
CA LYS H 66 -44.70 -10.69 11.96
C LYS H 66 -43.95 -9.96 13.07
N ALA H 67 -44.39 -8.73 13.35
CA ALA H 67 -43.76 -7.95 14.40
C ALA H 67 -43.86 -8.67 15.73
N ILE H 68 -44.98 -9.33 15.98
CA ILE H 68 -45.16 -10.03 17.24
C ILE H 68 -44.26 -11.26 17.30
N THR H 69 -44.01 -11.88 16.15
CA THR H 69 -43.12 -13.03 16.10
C THR H 69 -41.73 -12.55 16.45
N ILE H 70 -41.38 -11.36 15.97
CA ILE H 70 -40.07 -10.79 16.24
C ILE H 70 -39.92 -10.35 17.70
N ASP H 71 -40.93 -9.69 18.25
CA ASP H 71 -40.86 -9.27 19.64
C ASP H 71 -40.67 -10.49 20.55
N GLN H 72 -41.30 -11.61 20.20
CA GLN H 72 -41.16 -12.82 21.01
C GLN H 72 -39.71 -13.29 21.01
N ALA H 73 -39.13 -13.41 19.81
CA ALA H 73 -37.75 -13.86 19.68
C ALA H 73 -36.82 -12.96 20.49
N LEU H 74 -36.98 -11.64 20.33
CA LEU H 74 -36.17 -10.66 21.04
C LEU H 74 -36.39 -10.80 22.54
N ASN H 75 -37.64 -10.95 22.97
CA ASN H 75 -37.94 -11.11 24.38
C ASN H 75 -37.46 -12.46 24.89
N ASP H 90 -40.32 3.30 29.55
CA ASP H 90 -40.83 2.31 28.56
C ASP H 90 -40.46 2.70 27.14
N THR H 91 -41.11 2.05 26.17
CA THR H 91 -40.86 2.32 24.76
C THR H 91 -42.07 3.00 24.12
N SER H 92 -43.21 2.91 24.80
CA SER H 92 -44.45 3.49 24.30
C SER H 92 -44.33 4.96 23.95
N ARG H 93 -43.92 5.77 24.93
CA ARG H 93 -43.77 7.18 24.65
C ARG H 93 -42.88 7.36 23.43
N PRO H 94 -41.65 6.80 23.46
CA PRO H 94 -40.82 6.97 22.27
C PRO H 94 -41.28 5.94 21.25
N ALA H 95 -42.24 6.36 20.44
CA ALA H 95 -42.83 5.55 19.38
C ALA H 95 -43.87 6.52 18.85
N LYS H 96 -44.69 7.02 19.76
CA LYS H 96 -45.71 8.01 19.43
C LYS H 96 -44.97 9.25 18.95
N LEU H 97 -43.90 9.61 19.67
CA LEU H 97 -43.09 10.77 19.34
C LEU H 97 -42.42 10.54 17.97
N ASP H 98 -42.09 9.28 17.69
CA ASP H 98 -41.48 8.92 16.42
C ASP H 98 -42.53 9.20 15.36
N GLU H 99 -43.76 8.76 15.63
CA GLU H 99 -44.86 8.96 14.71
C GLU H 99 -45.19 10.43 14.49
N ASP H 100 -45.09 11.22 15.55
CA ASP H 100 -45.40 12.65 15.45
C ASP H 100 -44.39 13.39 14.58
N VAL H 101 -43.14 12.93 14.59
CA VAL H 101 -42.09 13.52 13.78
C VAL H 101 -42.48 13.34 12.30
N ASN H 102 -42.95 12.15 11.95
CA ASN H 102 -43.35 11.85 10.58
C ASN H 102 -44.50 12.75 10.17
N LYS H 103 -45.48 12.87 11.07
CA LYS H 103 -46.67 13.67 10.84
C LYS H 103 -46.35 15.15 10.66
N LEU H 104 -45.56 15.70 11.57
CA LEU H 104 -45.22 17.12 11.51
C LEU H 104 -44.43 17.48 10.26
N ARG H 105 -43.53 16.60 9.85
CA ARG H 105 -42.72 16.82 8.65
C ARG H 105 -43.61 16.87 7.43
N MET H 106 -44.57 15.95 7.37
CA MET H 106 -45.49 15.86 6.24
C MET H 106 -46.44 17.05 6.15
N MET H 107 -46.96 17.50 7.28
CA MET H 107 -47.87 18.64 7.31
C MET H 107 -47.16 19.89 6.80
N LEU H 108 -45.96 20.12 7.32
CA LEU H 108 -45.14 21.26 6.91
C LEU H 108 -44.80 21.12 5.43
N SER H 109 -44.35 19.92 5.04
CA SER H 109 -43.99 19.64 3.67
C SER H 109 -45.13 19.99 2.72
N SER H 110 -46.35 19.62 3.10
CA SER H 110 -47.52 19.90 2.27
C SER H 110 -47.78 21.39 2.07
N LYS H 111 -47.32 22.20 3.02
CA LYS H 111 -47.51 23.66 2.97
C LYS H 111 -46.46 24.42 2.16
N GLY H 112 -45.47 23.71 1.63
CA GLY H 112 -44.43 24.36 0.86
C GLY H 112 -43.18 24.63 1.66
N ILE H 113 -43.13 24.08 2.88
CA ILE H 113 -41.96 24.23 3.72
C ILE H 113 -41.22 22.91 3.59
N ASP H 114 -40.32 22.83 2.62
CA ASP H 114 -39.58 21.60 2.35
C ASP H 114 -38.51 21.23 3.36
N GLN H 115 -37.82 20.12 3.09
CA GLN H 115 -36.78 19.63 3.97
C GLN H 115 -35.63 20.60 4.19
N LYS H 116 -35.15 21.22 3.11
CA LYS H 116 -34.06 22.17 3.23
C LYS H 116 -34.41 23.20 4.31
N MET H 117 -35.61 23.77 4.23
CA MET H 117 -36.04 24.74 5.21
C MET H 117 -36.11 24.17 6.61
N ARG H 118 -36.74 23.02 6.75
CA ARG H 118 -36.91 22.39 8.05
C ARG H 118 -35.60 21.99 8.70
N VAL H 119 -34.72 21.34 7.95
CA VAL H 119 -33.44 20.92 8.50
C VAL H 119 -32.62 22.10 9.01
N LEU H 120 -32.46 23.12 8.17
CA LEU H 120 -31.68 24.29 8.55
C LEU H 120 -32.26 25.11 9.69
N ASN H 121 -33.56 25.38 9.66
CA ASN H 121 -34.20 26.16 10.71
C ASN H 121 -34.13 25.44 12.06
N ALA H 122 -34.13 24.11 12.05
CA ALA H 122 -34.06 23.34 13.29
C ALA H 122 -32.61 23.15 13.76
N CYS H 123 -31.67 23.27 12.84
CA CYS H 123 -30.27 23.08 13.18
C CYS H 123 -29.52 24.36 13.48
N PHE H 124 -30.12 25.50 13.14
CA PHE H 124 -29.46 26.77 13.40
C PHE H 124 -30.37 27.89 13.84
N SER H 125 -29.83 28.75 14.70
CA SER H 125 -30.54 29.92 15.18
C SER H 125 -29.71 31.00 14.52
N VAL H 126 -30.37 32.04 14.00
CA VAL H 126 -29.67 33.13 13.32
C VAL H 126 -30.09 34.46 13.93
N LYS H 127 -29.14 35.36 14.14
CA LYS H 127 -29.48 36.66 14.71
C LYS H 127 -28.93 37.82 13.89
N ARG H 128 -29.66 38.93 13.96
CA ARG H 128 -29.34 40.17 13.26
C ARG H 128 -27.97 40.77 13.52
N ILE H 129 -27.69 41.07 14.78
CA ILE H 129 -26.44 41.71 15.23
C ILE H 129 -26.56 43.22 14.97
N PRO H 130 -27.14 43.96 15.93
CA PRO H 130 -27.38 45.41 15.95
C PRO H 130 -26.60 46.34 15.00
N GLY H 131 -25.62 47.06 15.55
CA GLY H 131 -24.85 47.99 14.73
C GLY H 131 -23.83 47.35 13.80
N LYS H 132 -24.29 46.36 13.03
CA LYS H 132 -23.43 45.66 12.10
C LYS H 132 -24.23 45.10 10.93
N SER H 133 -23.53 44.84 9.83
CA SER H 133 -24.14 44.31 8.62
C SER H 133 -23.79 42.83 8.46
N SER H 134 -24.13 42.04 9.47
CA SER H 134 -23.86 40.60 9.44
C SER H 134 -24.84 39.91 10.35
N SER H 135 -24.78 38.58 10.40
CA SER H 135 -25.69 37.80 11.24
C SER H 135 -24.89 36.80 12.07
N ILE H 136 -25.48 36.35 13.17
CA ILE H 136 -24.81 35.37 14.03
C ILE H 136 -25.50 34.02 13.92
N ILE H 137 -24.72 33.01 13.56
CA ILE H 137 -25.23 31.64 13.41
C ILE H 137 -24.71 30.76 14.54
N LYS H 138 -25.62 30.00 15.15
CA LYS H 138 -25.25 29.11 16.24
C LYS H 138 -25.93 27.75 16.11
N CYS H 139 -25.16 26.68 16.36
CA CYS H 139 -25.68 25.31 16.31
C CYS H 139 -26.63 25.09 17.47
N THR H 140 -27.75 24.43 17.19
CA THR H 140 -28.75 24.09 18.20
C THR H 140 -28.40 22.68 18.70
N LYS H 141 -29.19 22.12 19.60
CA LYS H 141 -28.86 20.77 20.09
C LYS H 141 -28.96 19.71 18.98
N LEU H 142 -29.87 19.89 18.04
CA LEU H 142 -30.04 18.93 16.94
C LEU H 142 -28.81 18.87 16.04
N MET H 143 -28.22 20.03 15.78
CA MET H 143 -27.02 20.12 14.95
C MET H 143 -25.83 19.47 15.69
N ARG H 144 -25.68 19.79 16.96
CA ARG H 144 -24.60 19.22 17.75
C ARG H 144 -24.65 17.70 17.71
N ASP H 145 -25.86 17.15 17.78
CA ASP H 145 -26.01 15.71 17.74
C ASP H 145 -25.64 15.16 16.38
N LYS H 146 -25.85 15.97 15.34
CA LYS H 146 -25.50 15.54 13.99
C LYS H 146 -23.97 15.53 13.88
N LEU H 147 -23.33 16.52 14.49
CA LEU H 147 -21.88 16.61 14.48
C LEU H 147 -21.31 15.40 15.19
N GLU H 148 -21.93 15.02 16.30
CA GLU H 148 -21.49 13.86 17.06
C GLU H 148 -21.70 12.65 16.15
N ARG H 149 -22.41 12.85 15.05
CA ARG H 149 -22.67 11.80 14.07
C ARG H 149 -22.04 12.14 12.71
N GLY H 150 -22.77 12.80 11.81
CA GLY H 150 -22.21 13.11 10.51
C GLY H 150 -22.72 14.33 9.75
N GLU H 151 -21.78 15.19 9.35
CA GLU H 151 -22.05 16.40 8.59
C GLU H 151 -20.89 16.51 7.59
N VAL H 152 -21.21 16.61 6.30
CA VAL H 152 -20.21 16.67 5.22
C VAL H 152 -19.40 17.96 5.15
N GLU H 153 -18.09 17.79 5.02
CA GLU H 153 -17.15 18.90 4.92
C GLU H 153 -16.92 19.28 3.47
N THR I 7 -43.13 -34.46 -11.73
CA THR I 7 -41.96 -34.24 -12.64
C THR I 7 -40.89 -33.40 -11.96
N GLN I 8 -41.32 -32.31 -11.32
CA GLN I 8 -40.40 -31.43 -10.62
C GLN I 8 -39.69 -32.19 -9.51
N GLN I 9 -40.42 -33.08 -8.86
CA GLN I 9 -39.89 -33.89 -7.78
C GLN I 9 -38.96 -34.95 -8.37
N MET I 10 -39.26 -35.41 -9.58
CA MET I 10 -38.41 -36.38 -10.24
C MET I 10 -37.11 -35.71 -10.65
N ALA I 11 -37.21 -34.48 -11.17
CA ALA I 11 -36.01 -33.75 -11.57
C ALA I 11 -35.09 -33.57 -10.37
N VAL I 12 -35.68 -33.19 -9.23
CA VAL I 12 -34.90 -33.01 -8.00
C VAL I 12 -34.21 -34.35 -7.67
N SER I 13 -34.97 -35.43 -7.73
CA SER I 13 -34.46 -36.77 -7.46
C SER I 13 -33.28 -37.11 -8.40
N ILE I 14 -33.46 -36.83 -9.68
CA ILE I 14 -32.42 -37.11 -10.67
C ILE I 14 -31.16 -36.31 -10.36
N ILE I 15 -31.32 -35.04 -10.01
CA ILE I 15 -30.20 -34.18 -9.66
C ILE I 15 -29.45 -34.74 -8.43
N ASN I 16 -30.18 -35.21 -7.43
CA ASN I 16 -29.53 -35.76 -6.26
C ASN I 16 -28.79 -37.06 -6.58
N SER I 17 -29.40 -37.92 -7.38
CA SER I 17 -28.77 -39.18 -7.74
C SER I 17 -27.46 -38.89 -8.45
N SER I 18 -27.45 -37.80 -9.21
CA SER I 18 -26.27 -37.38 -9.94
C SER I 18 -25.14 -37.07 -8.97
N PHE I 19 -25.48 -36.39 -7.88
CA PHE I 19 -24.52 -36.05 -6.84
C PHE I 19 -23.97 -37.32 -6.21
N GLU I 20 -24.85 -38.28 -5.97
CA GLU I 20 -24.44 -39.56 -5.38
C GLU I 20 -23.51 -40.28 -6.31
N ALA I 21 -23.72 -40.12 -7.61
CA ALA I 21 -22.89 -40.78 -8.63
C ALA I 21 -21.50 -40.17 -8.67
N ALA I 22 -21.42 -38.85 -8.45
CA ALA I 22 -20.14 -38.16 -8.46
C ALA I 22 -19.34 -38.54 -7.23
N VAL I 23 -20.03 -38.77 -6.12
CA VAL I 23 -19.36 -39.14 -4.89
C VAL I 23 -18.82 -40.57 -4.96
N VAL I 24 -19.65 -41.50 -5.43
CA VAL I 24 -19.24 -42.89 -5.54
C VAL I 24 -18.14 -43.02 -6.57
N ALA I 25 -18.14 -42.14 -7.56
CA ALA I 25 -17.14 -42.17 -8.59
C ALA I 25 -15.78 -41.72 -8.04
N ALA I 26 -15.78 -40.55 -7.38
CA ALA I 26 -14.54 -40.04 -6.81
C ALA I 26 -14.03 -41.00 -5.75
N THR I 27 -14.92 -41.38 -4.83
CA THR I 27 -14.58 -42.27 -3.74
C THR I 27 -14.04 -43.60 -4.24
N SER I 28 -14.74 -44.21 -5.20
CA SER I 28 -14.29 -45.50 -5.74
C SER I 28 -13.06 -45.37 -6.63
N ALA I 29 -12.85 -44.18 -7.19
CA ALA I 29 -11.67 -43.94 -8.03
C ALA I 29 -10.42 -43.93 -7.15
N LEU I 30 -10.51 -43.31 -5.99
CA LEU I 30 -9.40 -43.25 -5.04
C LEU I 30 -8.98 -44.65 -4.57
N GLU I 31 -9.94 -45.43 -4.08
CA GLU I 31 -9.67 -46.78 -3.61
C GLU I 31 -9.06 -47.66 -4.69
N ASN I 32 -9.62 -47.63 -5.89
CA ASN I 32 -9.09 -48.47 -6.95
C ASN I 32 -7.63 -48.11 -7.27
N MET I 33 -7.20 -46.94 -6.83
CA MET I 33 -5.83 -46.52 -7.09
C MET I 33 -4.95 -46.63 -5.85
N GLY I 34 -5.49 -47.25 -4.79
CA GLY I 34 -4.73 -47.41 -3.56
C GLY I 34 -4.47 -46.14 -2.79
N ILE I 35 -5.37 -45.17 -2.90
CA ILE I 35 -5.21 -43.90 -2.20
C ILE I 35 -6.19 -43.80 -1.05
N GLU I 36 -5.66 -43.52 0.14
CA GLU I 36 -6.46 -43.40 1.35
C GLU I 36 -7.33 -42.15 1.33
N TYR I 37 -8.44 -42.20 2.04
CA TYR I 37 -9.35 -41.06 2.09
C TYR I 37 -10.42 -41.27 3.16
N ASP I 38 -10.98 -40.18 3.63
CA ASP I 38 -12.05 -40.24 4.60
C ASP I 38 -13.35 -39.93 3.88
N TYR I 39 -14.35 -40.80 4.05
CA TYR I 39 -15.62 -40.61 3.38
C TYR I 39 -16.13 -39.19 3.48
N GLN I 40 -16.31 -38.72 4.71
CA GLN I 40 -16.79 -37.37 4.96
C GLN I 40 -16.00 -36.33 4.18
N ASP I 41 -14.67 -36.43 4.20
CA ASP I 41 -13.84 -35.50 3.47
C ASP I 41 -14.25 -35.44 2.00
N ILE I 42 -14.13 -36.58 1.31
CA ILE I 42 -14.48 -36.64 -0.10
C ILE I 42 -15.93 -36.27 -0.36
N TYR I 43 -16.81 -36.58 0.57
CA TYR I 43 -18.22 -36.25 0.40
C TYR I 43 -18.36 -34.74 0.39
N SER I 44 -17.76 -34.09 1.37
CA SER I 44 -17.81 -32.64 1.47
C SER I 44 -17.24 -31.93 0.24
N ARG I 45 -16.07 -32.37 -0.22
CA ARG I 45 -15.46 -31.76 -1.39
C ARG I 45 -16.33 -31.82 -2.65
N VAL I 46 -16.85 -33.01 -2.95
CA VAL I 46 -17.68 -33.19 -4.13
C VAL I 46 -19.01 -32.44 -4.00
N LYS I 47 -19.47 -32.27 -2.77
CA LYS I 47 -20.74 -31.58 -2.53
C LYS I 47 -20.61 -30.07 -2.72
N ASN I 48 -19.45 -29.50 -2.34
CA ASN I 48 -19.22 -28.07 -2.51
C ASN I 48 -19.08 -27.79 -4.01
N LYS I 49 -18.39 -28.69 -4.69
CA LYS I 49 -18.18 -28.52 -6.13
C LYS I 49 -19.49 -28.66 -6.88
N PHE I 50 -20.24 -29.72 -6.56
CA PHE I 50 -21.52 -29.97 -7.20
C PHE I 50 -22.51 -28.83 -6.96
N ASP I 51 -22.71 -28.46 -5.70
CA ASP I 51 -23.64 -27.39 -5.36
C ASP I 51 -23.22 -26.09 -6.04
N PHE I 52 -21.92 -25.82 -6.07
CA PHE I 52 -21.46 -24.59 -6.70
C PHE I 52 -21.69 -24.62 -8.19
N VAL I 53 -21.32 -25.73 -8.82
CA VAL I 53 -21.45 -25.87 -10.26
C VAL I 53 -22.91 -25.82 -10.71
N MET I 54 -23.78 -26.56 -10.03
CA MET I 54 -25.19 -26.56 -10.42
C MET I 54 -25.80 -25.17 -10.22
N ASP I 55 -25.38 -24.48 -9.17
CA ASP I 55 -25.89 -23.14 -8.88
C ASP I 55 -25.25 -22.07 -9.75
N ASP I 56 -23.92 -22.03 -9.77
CA ASP I 56 -23.24 -21.02 -10.58
C ASP I 56 -23.53 -21.13 -12.08
N SER I 57 -23.72 -22.34 -12.58
CA SER I 57 -23.99 -22.57 -14.00
C SER I 57 -25.40 -22.21 -14.46
N GLY I 58 -26.31 -22.08 -13.50
CA GLY I 58 -27.69 -21.76 -13.83
C GLY I 58 -28.39 -23.04 -14.29
N VAL I 59 -27.62 -24.11 -14.38
CA VAL I 59 -28.15 -25.39 -14.81
C VAL I 59 -29.16 -26.00 -13.85
N LYS I 60 -29.07 -25.74 -12.55
CA LYS I 60 -30.07 -26.36 -11.66
C LYS I 60 -31.44 -25.78 -12.02
N ASN I 61 -31.50 -24.46 -12.20
CA ASN I 61 -32.73 -23.77 -12.54
C ASN I 61 -33.28 -24.22 -13.90
N ASN I 62 -32.39 -24.56 -14.82
CA ASN I 62 -32.75 -25.00 -16.17
C ASN I 62 -33.66 -26.24 -16.15
N PRO I 63 -33.24 -27.35 -15.50
CA PRO I 63 -33.97 -28.61 -15.37
C PRO I 63 -35.21 -28.53 -14.50
N ILE I 64 -35.08 -27.92 -13.33
CA ILE I 64 -36.23 -27.77 -12.45
C ILE I 64 -37.25 -26.92 -13.16
N GLY I 65 -36.75 -25.96 -13.94
CA GLY I 65 -37.66 -25.11 -14.69
C GLY I 65 -38.34 -25.92 -15.77
N LYS I 66 -37.57 -26.76 -16.47
CA LYS I 66 -38.11 -27.60 -17.53
C LYS I 66 -39.07 -28.64 -16.95
N ALA I 67 -38.76 -29.15 -15.76
CA ALA I 67 -39.63 -30.14 -15.13
C ALA I 67 -40.98 -29.49 -14.80
N ILE I 68 -40.95 -28.24 -14.36
CA ILE I 68 -42.16 -27.49 -14.03
C ILE I 68 -43.02 -27.26 -15.29
N THR I 69 -42.35 -27.06 -16.42
CA THR I 69 -43.05 -26.84 -17.68
C THR I 69 -43.87 -28.09 -18.01
N ILE I 70 -43.26 -29.25 -17.81
CA ILE I 70 -43.95 -30.51 -18.07
C ILE I 70 -45.15 -30.72 -17.13
N ASP I 71 -44.95 -30.57 -15.81
CA ASP I 71 -46.05 -30.72 -14.86
C ASP I 71 -47.23 -29.87 -15.30
N GLN I 72 -46.93 -28.62 -15.62
CA GLN I 72 -47.98 -27.71 -16.09
C GLN I 72 -48.68 -28.37 -17.28
N ALA I 73 -47.92 -28.77 -18.30
CA ALA I 73 -48.52 -29.39 -19.48
C ALA I 73 -49.36 -30.62 -19.12
N LEU I 74 -49.06 -31.23 -17.99
CA LEU I 74 -49.81 -32.40 -17.55
C LEU I 74 -51.10 -31.94 -16.87
N ASN I 75 -51.11 -30.70 -16.42
CA ASN I 75 -52.28 -30.11 -15.78
C ASN I 75 -53.05 -29.29 -16.80
N ASN I 76 -52.83 -29.60 -18.07
CA ASN I 76 -53.49 -28.93 -19.20
C ASN I 76 -53.14 -27.45 -19.45
N LYS I 77 -51.93 -27.06 -19.05
CA LYS I 77 -51.44 -25.70 -19.27
C LYS I 77 -50.22 -25.85 -20.17
N PHE I 78 -50.46 -26.04 -21.46
CA PHE I 78 -49.38 -26.23 -22.40
C PHE I 78 -48.62 -24.97 -22.80
N GLY I 79 -49.05 -23.82 -22.29
CA GLY I 79 -48.37 -22.58 -22.63
C GLY I 79 -46.86 -22.68 -22.69
N SER I 80 -46.26 -23.15 -21.60
CA SER I 80 -44.81 -23.27 -21.54
C SER I 80 -44.27 -24.29 -22.54
N ALA I 81 -44.91 -25.45 -22.62
CA ALA I 81 -44.45 -26.48 -23.54
C ALA I 81 -44.53 -25.92 -24.94
N ILE I 82 -45.58 -25.15 -25.21
CA ILE I 82 -45.75 -24.53 -26.51
C ILE I 82 -44.60 -23.58 -26.74
N ARG I 83 -44.27 -22.81 -25.71
CA ARG I 83 -43.15 -21.89 -25.81
C ARG I 83 -41.85 -22.66 -26.04
N ASN I 84 -41.73 -23.83 -25.42
CA ASN I 84 -40.54 -24.67 -25.59
C ASN I 84 -40.40 -25.16 -27.02
N ARG I 85 -41.51 -25.57 -27.64
CA ARG I 85 -41.48 -26.05 -29.02
C ARG I 85 -41.07 -24.91 -29.95
N ASN I 86 -41.71 -23.74 -29.80
CA ASN I 86 -41.40 -22.59 -30.63
C ASN I 86 -39.95 -22.16 -30.51
N TRP I 87 -39.43 -22.18 -29.27
CA TRP I 87 -38.05 -21.78 -29.02
C TRP I 87 -37.08 -22.64 -29.82
N LEU I 88 -37.20 -23.96 -29.64
CA LEU I 88 -36.37 -24.92 -30.33
C LEU I 88 -36.52 -24.86 -31.84
N ALA I 89 -37.73 -24.50 -32.29
CA ALA I 89 -38.03 -24.41 -33.72
C ALA I 89 -37.57 -23.11 -34.40
N ASP I 90 -37.45 -22.02 -33.63
CA ASP I 90 -37.02 -20.74 -34.20
C ASP I 90 -35.94 -21.00 -35.26
N THR I 91 -36.07 -20.33 -36.41
CA THR I 91 -35.11 -20.51 -37.50
C THR I 91 -33.69 -20.14 -37.11
N SER I 92 -33.54 -19.24 -36.15
CA SER I 92 -32.21 -18.83 -35.70
C SER I 92 -31.79 -19.45 -34.38
N ARG I 93 -32.52 -20.46 -33.91
CA ARG I 93 -32.17 -21.08 -32.62
C ARG I 93 -30.77 -21.66 -32.63
N PRO I 94 -30.45 -22.51 -33.63
CA PRO I 94 -29.13 -23.13 -33.73
C PRO I 94 -28.02 -22.10 -33.81
N ALA I 95 -28.28 -21.02 -34.55
CA ALA I 95 -27.30 -19.97 -34.72
C ALA I 95 -26.99 -19.31 -33.37
N LYS I 96 -28.06 -18.99 -32.63
CA LYS I 96 -27.93 -18.37 -31.33
C LYS I 96 -27.19 -19.24 -30.30
N LEU I 97 -27.58 -20.50 -30.19
CA LEU I 97 -26.91 -21.40 -29.23
C LEU I 97 -25.47 -21.64 -29.67
N ASP I 98 -25.26 -21.73 -30.99
CA ASP I 98 -23.91 -21.94 -31.52
C ASP I 98 -23.00 -20.79 -31.11
N GLU I 99 -23.51 -19.56 -31.24
CA GLU I 99 -22.73 -18.39 -30.86
C GLU I 99 -22.48 -18.41 -29.36
N ASP I 100 -23.49 -18.87 -28.63
CA ASP I 100 -23.44 -18.99 -27.17
C ASP I 100 -22.42 -20.07 -26.78
N VAL I 101 -22.56 -21.25 -27.38
CA VAL I 101 -21.65 -22.36 -27.11
C VAL I 101 -20.21 -22.03 -27.51
N ASN I 102 -20.05 -21.34 -28.63
CA ASN I 102 -18.72 -20.98 -29.11
C ASN I 102 -17.99 -20.05 -28.16
N LYS I 103 -18.72 -19.09 -27.56
CA LYS I 103 -18.14 -18.14 -26.62
C LYS I 103 -17.59 -18.84 -25.38
N LEU I 104 -18.38 -19.78 -24.87
CA LEU I 104 -18.02 -20.52 -23.68
C LEU I 104 -16.82 -21.42 -23.93
N ARG I 105 -16.78 -22.01 -25.10
CA ARG I 105 -15.67 -22.89 -25.44
C ARG I 105 -14.35 -22.16 -25.61
N MET I 106 -14.39 -20.91 -26.07
CA MET I 106 -13.17 -20.13 -26.24
C MET I 106 -12.63 -19.77 -24.85
N MET I 107 -13.52 -19.77 -23.86
CA MET I 107 -13.14 -19.45 -22.50
C MET I 107 -12.34 -20.56 -21.82
N LEU I 108 -12.55 -21.80 -22.24
CA LEU I 108 -11.84 -22.93 -21.65
C LEU I 108 -10.33 -22.86 -21.85
N GLY I 112 -6.11 -16.22 -19.73
CA GLY I 112 -6.11 -14.74 -19.91
C GLY I 112 -7.35 -14.12 -19.31
N ILE I 113 -7.86 -13.09 -19.97
CA ILE I 113 -9.08 -12.42 -19.52
C ILE I 113 -8.95 -11.57 -18.25
N ASP I 114 -7.81 -11.64 -17.55
CA ASP I 114 -7.65 -10.85 -16.33
C ASP I 114 -7.89 -9.37 -16.58
N GLN I 115 -7.15 -8.78 -17.51
CA GLN I 115 -7.30 -7.37 -17.84
C GLN I 115 -8.72 -7.09 -18.29
N LYS I 116 -9.20 -7.88 -19.23
CA LYS I 116 -10.55 -7.72 -19.76
C LYS I 116 -11.60 -7.64 -18.65
N MET I 117 -11.48 -8.53 -17.65
CA MET I 117 -12.40 -8.58 -16.52
C MET I 117 -12.28 -7.38 -15.59
N ARG I 118 -11.05 -6.92 -15.40
CA ARG I 118 -10.80 -5.75 -14.55
C ARG I 118 -11.62 -4.57 -15.06
N VAL I 119 -11.56 -4.35 -16.37
CA VAL I 119 -12.29 -3.26 -17.00
C VAL I 119 -13.79 -3.52 -16.90
N LEU I 120 -14.21 -4.74 -17.27
CA LEU I 120 -15.61 -5.09 -17.20
C LEU I 120 -16.19 -5.09 -15.79
N ASN I 121 -15.43 -5.59 -14.82
CA ASN I 121 -15.90 -5.62 -13.44
C ASN I 121 -16.20 -4.22 -12.89
N ALA I 122 -15.56 -3.21 -13.45
CA ALA I 122 -15.77 -1.83 -13.00
C ALA I 122 -16.92 -1.10 -13.68
N CYS I 123 -17.38 -1.61 -14.83
CA CYS I 123 -18.46 -0.98 -15.56
C CYS I 123 -19.79 -1.73 -15.47
N PHE I 124 -19.73 -3.03 -15.22
CA PHE I 124 -20.96 -3.81 -15.18
C PHE I 124 -21.10 -4.73 -13.98
N SER I 125 -22.35 -5.10 -13.71
CA SER I 125 -22.68 -6.00 -12.61
C SER I 125 -23.54 -7.13 -13.18
N VAL I 126 -23.26 -8.36 -12.75
CA VAL I 126 -24.00 -9.53 -13.23
C VAL I 126 -24.97 -10.04 -12.19
N LYS I 127 -26.26 -10.07 -12.56
CA LYS I 127 -27.30 -10.53 -11.65
C LYS I 127 -28.17 -11.63 -12.24
N ARG I 128 -29.04 -12.19 -11.42
CA ARG I 128 -29.92 -13.25 -11.87
C ARG I 128 -31.33 -13.13 -11.30
N ILE I 129 -32.32 -13.25 -12.17
CA ILE I 129 -33.71 -13.21 -11.74
C ILE I 129 -33.98 -14.61 -11.18
N PRO I 130 -34.48 -14.70 -9.95
CA PRO I 130 -34.79 -15.99 -9.30
C PRO I 130 -35.44 -17.01 -10.21
N GLY I 131 -34.91 -18.23 -10.19
CA GLY I 131 -35.45 -19.30 -11.01
C GLY I 131 -34.86 -19.37 -12.40
N LYS I 132 -34.35 -18.25 -12.90
CA LYS I 132 -33.78 -18.21 -14.25
C LYS I 132 -32.36 -18.72 -14.43
N SER I 133 -32.10 -19.28 -15.62
CA SER I 133 -30.79 -19.80 -15.96
C SER I 133 -30.00 -18.74 -16.71
N SER I 134 -30.71 -17.74 -17.24
CA SER I 134 -30.05 -16.66 -17.96
C SER I 134 -29.59 -15.60 -16.97
N SER I 135 -28.99 -14.54 -17.48
CA SER I 135 -28.45 -13.50 -16.61
C SER I 135 -29.06 -12.14 -16.85
N ILE I 136 -28.74 -11.22 -15.96
CA ILE I 136 -29.18 -9.84 -16.08
C ILE I 136 -27.91 -9.02 -15.89
N ILE I 137 -27.66 -8.10 -16.82
CA ILE I 137 -26.50 -7.23 -16.76
C ILE I 137 -26.99 -5.85 -16.36
N LYS I 138 -26.34 -5.28 -15.36
CA LYS I 138 -26.70 -3.96 -14.86
C LYS I 138 -25.60 -2.93 -15.07
N CYS I 139 -26.00 -1.71 -15.39
CA CYS I 139 -25.06 -0.62 -15.61
C CYS I 139 -25.73 0.74 -15.38
N THR I 140 -25.03 1.82 -15.69
CA THR I 140 -25.60 3.16 -15.54
C THR I 140 -26.25 3.57 -16.86
N LYS I 141 -27.28 4.40 -16.78
CA LYS I 141 -27.96 4.86 -17.98
C LYS I 141 -26.92 5.45 -18.93
N LEU I 142 -25.90 6.08 -18.36
CA LEU I 142 -24.84 6.69 -19.15
C LEU I 142 -24.14 5.61 -19.97
N MET I 143 -23.81 4.50 -19.31
CA MET I 143 -23.14 3.41 -20.00
C MET I 143 -24.12 2.77 -20.99
N ARG I 144 -25.33 2.46 -20.51
CA ARG I 144 -26.33 1.83 -21.36
C ARG I 144 -26.53 2.61 -22.66
N ASP I 145 -26.83 3.89 -22.54
CA ASP I 145 -27.04 4.74 -23.70
C ASP I 145 -25.77 4.82 -24.55
N LYS I 146 -24.63 4.82 -23.89
CA LYS I 146 -23.35 4.87 -24.58
C LYS I 146 -23.13 3.60 -25.38
N LEU I 147 -23.50 2.46 -24.78
CA LEU I 147 -23.35 1.17 -25.44
C LEU I 147 -24.36 1.06 -26.57
N GLU I 148 -25.59 1.51 -26.31
CA GLU I 148 -26.65 1.46 -27.32
C GLU I 148 -26.39 2.55 -28.37
N ARG I 149 -25.12 2.71 -28.71
CA ARG I 149 -24.69 3.68 -29.70
C ARG I 149 -23.47 3.12 -30.42
N GLY I 150 -22.66 2.35 -29.69
CA GLY I 150 -21.47 1.76 -30.28
C GLY I 150 -20.35 1.59 -29.27
N GLU I 151 -19.13 1.49 -29.78
CA GLU I 151 -17.95 1.32 -28.93
C GLU I 151 -17.91 2.32 -27.77
N VAL I 152 -17.15 2.00 -26.73
CA VAL I 152 -17.04 2.88 -25.56
C VAL I 152 -15.66 2.83 -24.91
N GLU I 153 -15.10 3.99 -24.60
CA GLU I 153 -13.80 4.07 -23.96
C GLU I 153 -14.03 4.19 -22.46
N VAL I 154 -13.20 3.54 -21.65
CA VAL I 154 -13.39 3.61 -20.19
C VAL I 154 -12.37 4.44 -19.39
N ASP I 155 -11.16 4.58 -19.91
CA ASP I 155 -10.10 5.32 -19.23
C ASP I 155 -9.61 4.46 -18.07
N ASP I 156 -8.36 4.01 -18.13
CA ASP I 156 -7.79 3.17 -17.07
C ASP I 156 -7.87 3.84 -15.69
N SER I 157 -8.12 5.15 -15.66
CA SER I 157 -8.22 5.85 -14.39
C SER I 157 -9.48 5.45 -13.63
N PHE I 158 -10.61 5.49 -14.33
CA PHE I 158 -11.89 5.12 -13.73
C PHE I 158 -11.81 3.71 -13.14
N VAL I 159 -11.43 2.75 -13.96
CA VAL I 159 -11.32 1.36 -13.52
C VAL I 159 -10.57 1.32 -12.18
N ASP I 160 -9.39 1.90 -12.16
CA ASP I 160 -8.56 1.95 -10.95
C ASP I 160 -9.30 2.59 -9.79
N GLU I 161 -10.11 3.60 -10.11
CA GLU I 161 -10.89 4.29 -9.10
C GLU I 161 -11.81 3.27 -8.44
N LYS I 162 -11.97 2.12 -9.09
CA LYS I 162 -12.85 1.08 -8.59
C LYS I 162 -12.11 -0.26 -8.38
N MET I 163 -10.85 -0.19 -7.96
CA MET I 163 -10.04 -1.37 -7.74
C MET I 163 -9.66 -2.04 -9.06
N GLY J 2 -40.70 -30.96 -38.11
CA GLY J 2 -39.76 -31.90 -37.43
C GLY J 2 -39.51 -31.46 -36.00
N SER J 3 -40.57 -30.92 -35.38
CA SER J 3 -40.51 -30.44 -34.00
C SER J 3 -41.47 -31.22 -33.12
N MET J 4 -42.12 -32.22 -33.70
CA MET J 4 -43.08 -33.04 -32.98
C MET J 4 -42.51 -33.92 -31.88
N GLU J 5 -41.31 -33.56 -31.41
CA GLU J 5 -40.64 -34.29 -30.34
C GLU J 5 -39.92 -33.28 -29.44
N SER J 6 -40.35 -32.02 -29.53
CA SER J 6 -39.76 -30.94 -28.77
C SER J 6 -39.74 -31.20 -27.26
N THR J 7 -40.85 -31.70 -26.72
CA THR J 7 -40.96 -31.98 -25.30
C THR J 7 -40.03 -33.10 -24.89
N GLN J 8 -40.00 -34.17 -25.67
CA GLN J 8 -39.14 -35.29 -25.33
C GLN J 8 -37.67 -34.85 -25.33
N GLN J 9 -37.27 -34.08 -26.35
CA GLN J 9 -35.89 -33.63 -26.44
C GLN J 9 -35.54 -32.81 -25.23
N MET J 10 -36.44 -31.91 -24.86
CA MET J 10 -36.22 -31.07 -23.70
C MET J 10 -36.15 -31.88 -22.42
N ALA J 11 -37.00 -32.91 -22.30
CA ALA J 11 -37.01 -33.72 -21.09
C ALA J 11 -35.75 -34.55 -20.89
N VAL J 12 -35.09 -34.90 -21.98
CA VAL J 12 -33.88 -35.71 -21.92
C VAL J 12 -32.70 -34.89 -21.39
N SER J 13 -32.74 -33.59 -21.59
CA SER J 13 -31.65 -32.74 -21.11
C SER J 13 -31.64 -32.71 -19.59
N ILE J 14 -32.74 -33.15 -18.98
CA ILE J 14 -32.79 -33.18 -17.51
C ILE J 14 -31.91 -34.34 -17.05
N ILE J 15 -31.99 -35.46 -17.77
CA ILE J 15 -31.17 -36.61 -17.44
C ILE J 15 -29.74 -36.36 -17.89
N ASN J 16 -29.57 -36.01 -19.16
CA ASN J 16 -28.23 -35.77 -19.68
C ASN J 16 -27.43 -34.69 -18.97
N SER J 17 -28.06 -33.56 -18.65
CA SER J 17 -27.33 -32.50 -17.97
C SER J 17 -26.94 -32.86 -16.54
N SER J 18 -27.79 -33.64 -15.85
CA SER J 18 -27.50 -34.05 -14.49
C SER J 18 -26.26 -34.96 -14.53
N PHE J 19 -26.23 -35.86 -15.51
CA PHE J 19 -25.11 -36.78 -15.70
C PHE J 19 -23.82 -35.99 -15.92
N GLU J 20 -23.89 -34.97 -16.77
CA GLU J 20 -22.74 -34.12 -17.08
C GLU J 20 -22.31 -33.33 -15.85
N ALA J 21 -23.29 -32.90 -15.05
CA ALA J 21 -22.98 -32.16 -13.84
C ALA J 21 -22.17 -33.06 -12.92
N ALA J 22 -22.57 -34.33 -12.84
CA ALA J 22 -21.88 -35.28 -11.98
C ALA J 22 -20.46 -35.58 -12.44
N VAL J 23 -20.27 -35.73 -13.75
CA VAL J 23 -18.92 -36.01 -14.25
C VAL J 23 -18.01 -34.86 -13.85
N VAL J 24 -18.49 -33.64 -14.07
CA VAL J 24 -17.72 -32.44 -13.75
C VAL J 24 -17.39 -32.33 -12.25
N ALA J 25 -18.39 -32.52 -11.40
CA ALA J 25 -18.17 -32.43 -9.97
C ALA J 25 -17.09 -33.41 -9.53
N ALA J 26 -17.21 -34.64 -10.00
CA ALA J 26 -16.26 -35.69 -9.63
C ALA J 26 -14.84 -35.41 -10.14
N THR J 27 -14.67 -35.25 -11.44
CA THR J 27 -13.35 -35.01 -12.00
C THR J 27 -12.75 -33.75 -11.40
N SER J 28 -13.54 -32.70 -11.30
CA SER J 28 -13.03 -31.46 -10.75
C SER J 28 -12.60 -31.60 -9.29
N ALA J 29 -13.38 -32.29 -8.46
CA ALA J 29 -13.02 -32.47 -7.04
C ALA J 29 -11.67 -33.16 -6.88
N LEU J 30 -11.48 -34.26 -7.61
CA LEU J 30 -10.24 -35.01 -7.57
C LEU J 30 -9.09 -34.11 -8.04
N GLU J 31 -9.33 -33.36 -9.11
CA GLU J 31 -8.31 -32.46 -9.66
C GLU J 31 -7.89 -31.39 -8.64
N ASN J 32 -8.83 -30.87 -7.86
CA ASN J 32 -8.50 -29.86 -6.87
C ASN J 32 -7.74 -30.49 -5.71
N MET J 33 -7.82 -31.81 -5.59
CA MET J 33 -7.10 -32.52 -4.53
C MET J 33 -5.69 -32.84 -5.02
N GLY J 34 -5.43 -32.58 -6.30
CA GLY J 34 -4.13 -32.85 -6.86
C GLY J 34 -4.02 -34.26 -7.37
N ILE J 35 -4.95 -35.11 -6.99
CA ILE J 35 -4.94 -36.50 -7.42
C ILE J 35 -5.09 -36.64 -8.93
N GLU J 36 -4.28 -37.52 -9.52
CA GLU J 36 -4.30 -37.80 -10.94
C GLU J 36 -5.42 -38.81 -11.18
N TYR J 37 -6.10 -38.70 -12.31
CA TYR J 37 -7.20 -39.60 -12.60
C TYR J 37 -7.42 -39.70 -14.10
N ASP J 38 -8.12 -40.74 -14.52
CA ASP J 38 -8.43 -40.96 -15.92
C ASP J 38 -9.88 -40.50 -16.17
N TYR J 39 -10.05 -39.50 -17.03
CA TYR J 39 -11.37 -38.96 -17.35
C TYR J 39 -12.40 -40.04 -17.70
N GLN J 40 -12.01 -40.95 -18.60
CA GLN J 40 -12.91 -42.02 -19.02
C GLN J 40 -13.31 -42.91 -17.84
N ASP J 41 -12.37 -43.14 -16.93
CA ASP J 41 -12.63 -43.98 -15.76
C ASP J 41 -13.67 -43.36 -14.83
N ILE J 42 -13.48 -42.10 -14.46
CA ILE J 42 -14.43 -41.41 -13.59
C ILE J 42 -15.77 -41.30 -14.32
N TYR J 43 -15.70 -41.03 -15.63
CA TYR J 43 -16.89 -40.89 -16.47
C TYR J 43 -17.68 -42.20 -16.44
N SER J 44 -16.98 -43.31 -16.64
CA SER J 44 -17.59 -44.62 -16.64
C SER J 44 -18.20 -44.98 -15.27
N ARG J 45 -17.49 -44.63 -14.21
CA ARG J 45 -17.99 -44.90 -12.86
C ARG J 45 -19.28 -44.13 -12.61
N VAL J 46 -19.29 -42.85 -12.98
CA VAL J 46 -20.48 -42.01 -12.80
C VAL J 46 -21.67 -42.59 -13.54
N LYS J 47 -21.43 -42.99 -14.79
CA LYS J 47 -22.46 -43.55 -15.65
C LYS J 47 -23.07 -44.83 -15.10
N ASN J 48 -22.20 -45.69 -14.56
CA ASN J 48 -22.59 -46.97 -13.99
C ASN J 48 -23.58 -46.78 -12.85
N LYS J 49 -23.25 -45.87 -11.94
CA LYS J 49 -24.08 -45.58 -10.77
C LYS J 49 -25.33 -44.81 -11.17
N PHE J 50 -25.14 -43.71 -11.89
CA PHE J 50 -26.24 -42.89 -12.34
C PHE J 50 -27.22 -43.70 -13.20
N ASP J 51 -26.70 -44.47 -14.15
CA ASP J 51 -27.59 -45.23 -15.01
C ASP J 51 -28.39 -46.26 -14.25
N PHE J 52 -27.76 -46.94 -13.29
CA PHE J 52 -28.45 -47.97 -12.51
C PHE J 52 -29.63 -47.45 -11.71
N VAL J 53 -29.46 -46.30 -11.06
CA VAL J 53 -30.51 -45.72 -10.25
C VAL J 53 -31.65 -45.13 -11.06
N MET J 54 -31.33 -44.30 -12.04
CA MET J 54 -32.37 -43.68 -12.86
C MET J 54 -32.99 -44.61 -13.90
N ASP J 55 -32.13 -45.36 -14.58
CA ASP J 55 -32.53 -46.26 -15.63
C ASP J 55 -32.86 -47.66 -15.14
N ASP J 56 -33.52 -47.73 -13.99
CA ASP J 56 -33.90 -49.01 -13.37
C ASP J 56 -34.48 -48.68 -12.01
N SER J 57 -35.58 -47.94 -12.05
CA SER J 57 -36.35 -47.50 -10.88
C SER J 57 -37.44 -46.70 -11.56
N GLY J 58 -37.29 -46.58 -12.88
CA GLY J 58 -38.26 -45.87 -13.68
C GLY J 58 -38.24 -44.37 -13.49
N VAL J 59 -37.06 -43.78 -13.35
CA VAL J 59 -36.97 -42.34 -13.21
C VAL J 59 -36.34 -41.82 -14.49
N LYS J 60 -36.95 -42.18 -15.61
CA LYS J 60 -36.48 -41.78 -16.93
C LYS J 60 -37.58 -42.21 -17.88
N ASN J 61 -37.97 -43.47 -17.76
CA ASN J 61 -39.04 -44.05 -18.55
C ASN J 61 -40.31 -43.23 -18.20
N ASN J 62 -40.41 -42.83 -16.94
CA ASN J 62 -41.55 -42.06 -16.45
C ASN J 62 -41.49 -40.62 -16.99
N PRO J 63 -40.30 -39.97 -16.92
CA PRO J 63 -40.17 -38.61 -17.42
C PRO J 63 -40.39 -38.57 -18.91
N ILE J 64 -39.82 -39.54 -19.61
CA ILE J 64 -39.97 -39.63 -21.06
C ILE J 64 -41.44 -39.88 -21.39
N GLY J 65 -42.05 -40.78 -20.65
CA GLY J 65 -43.44 -41.11 -20.87
C GLY J 65 -44.32 -39.88 -20.84
N LYS J 66 -44.08 -39.00 -19.87
CA LYS J 66 -44.87 -37.78 -19.72
C LYS J 66 -44.60 -36.83 -20.88
N ALA J 67 -43.34 -36.72 -21.26
CA ALA J 67 -42.98 -35.83 -22.34
C ALA J 67 -43.68 -36.30 -23.62
N ILE J 68 -43.70 -37.61 -23.83
CA ILE J 68 -44.34 -38.15 -25.03
C ILE J 68 -45.84 -37.85 -25.02
N THR J 69 -46.46 -37.99 -23.86
CA THR J 69 -47.89 -37.69 -23.75
C THR J 69 -48.12 -36.23 -24.11
N ILE J 70 -47.18 -35.39 -23.69
CA ILE J 70 -47.26 -33.97 -23.98
C ILE J 70 -47.02 -33.67 -25.46
N ASP J 71 -46.04 -34.33 -26.07
CA ASP J 71 -45.77 -34.09 -27.49
C ASP J 71 -46.96 -34.54 -28.35
N GLN J 72 -47.66 -35.60 -27.94
CA GLN J 72 -48.80 -36.08 -28.72
C GLN J 72 -49.93 -35.06 -28.71
N ALA J 73 -50.17 -34.46 -27.54
CA ALA J 73 -51.22 -33.47 -27.41
C ALA J 73 -50.87 -32.23 -28.25
N LEU J 74 -49.59 -31.85 -28.25
CA LEU J 74 -49.14 -30.71 -29.04
C LEU J 74 -49.24 -31.06 -30.51
N ASN J 75 -48.78 -32.26 -30.86
CA ASN J 75 -48.82 -32.72 -32.24
C ASN J 75 -50.26 -32.81 -32.74
N ASP J 90 -35.17 -28.81 -38.42
CA ASP J 90 -35.77 -29.64 -37.34
C ASP J 90 -35.51 -29.04 -35.96
N THR J 91 -35.74 -29.83 -34.92
CA THR J 91 -35.54 -29.39 -33.55
C THR J 91 -34.37 -30.11 -32.89
N SER J 92 -33.94 -31.21 -33.50
CA SER J 92 -32.84 -32.02 -32.97
C SER J 92 -31.57 -31.21 -32.70
N ARG J 93 -31.06 -30.51 -33.70
CA ARG J 93 -29.84 -29.74 -33.52
C ARG J 93 -30.02 -28.77 -32.35
N PRO J 94 -31.08 -27.96 -32.37
CA PRO J 94 -31.27 -27.03 -31.25
C PRO J 94 -31.96 -27.83 -30.15
N ALA J 95 -31.12 -28.39 -29.28
CA ALA J 95 -31.54 -29.22 -28.16
C ALA J 95 -30.20 -29.77 -27.70
N LYS J 96 -29.44 -30.27 -28.68
CA LYS J 96 -28.11 -30.78 -28.44
C LYS J 96 -27.30 -29.55 -28.01
N LEU J 97 -27.46 -28.47 -28.77
CA LEU J 97 -26.76 -27.22 -28.49
C LEU J 97 -27.20 -26.63 -27.16
N ASP J 98 -28.45 -26.90 -26.78
CA ASP J 98 -28.97 -26.42 -25.51
C ASP J 98 -28.21 -27.19 -24.42
N GLU J 99 -28.09 -28.51 -24.60
CA GLU J 99 -27.38 -29.35 -23.64
C GLU J 99 -25.90 -29.00 -23.56
N ASP J 100 -25.29 -28.63 -24.68
CA ASP J 100 -23.86 -28.30 -24.65
C ASP J 100 -23.62 -27.00 -23.88
N VAL J 101 -24.58 -26.07 -23.97
CA VAL J 101 -24.48 -24.80 -23.25
C VAL J 101 -24.42 -25.10 -21.77
N ASN J 102 -25.23 -26.05 -21.31
CA ASN J 102 -25.25 -26.41 -19.91
C ASN J 102 -23.93 -27.03 -19.48
N LYS J 103 -23.40 -27.91 -20.32
CA LYS J 103 -22.14 -28.60 -20.05
C LYS J 103 -20.95 -27.65 -19.99
N LEU J 104 -20.82 -26.80 -21.01
CA LEU J 104 -19.72 -25.86 -21.05
C LEU J 104 -19.70 -24.95 -19.81
N ARG J 105 -20.86 -24.37 -19.48
CA ARG J 105 -20.99 -23.49 -18.32
C ARG J 105 -20.48 -24.19 -17.05
N MET J 106 -20.94 -25.43 -16.85
CA MET J 106 -20.54 -26.22 -15.69
C MET J 106 -19.05 -26.56 -15.67
N MET J 107 -18.52 -26.91 -16.85
CA MET J 107 -17.10 -27.26 -16.96
C MET J 107 -16.30 -26.04 -16.55
N LEU J 108 -16.69 -24.90 -17.10
CA LEU J 108 -16.04 -23.63 -16.81
C LEU J 108 -16.24 -23.27 -15.35
N SER J 109 -17.47 -23.38 -14.88
CA SER J 109 -17.79 -23.09 -13.49
C SER J 109 -16.83 -23.82 -12.54
N SER J 110 -16.65 -25.11 -12.77
CA SER J 110 -15.78 -25.93 -11.91
C SER J 110 -14.33 -25.47 -11.90
N LYS J 111 -13.90 -24.80 -12.97
CA LYS J 111 -12.53 -24.31 -13.05
C LYS J 111 -12.30 -22.96 -12.40
N GLY J 112 -13.33 -22.41 -11.75
CA GLY J 112 -13.16 -21.12 -11.10
C GLY J 112 -13.54 -19.93 -11.95
N ILE J 113 -14.17 -20.19 -13.09
CA ILE J 113 -14.60 -19.13 -13.98
C ILE J 113 -16.11 -19.05 -13.80
N ASP J 114 -16.55 -18.30 -12.78
CA ASP J 114 -17.97 -18.17 -12.48
C ASP J 114 -18.75 -17.39 -13.54
N GLN J 115 -20.06 -17.29 -13.29
CA GLN J 115 -20.99 -16.61 -14.18
C GLN J 115 -20.61 -15.17 -14.53
N LYS J 116 -20.21 -14.39 -13.53
CA LYS J 116 -19.83 -13.00 -13.76
C LYS J 116 -18.80 -12.92 -14.88
N MET J 117 -17.80 -13.79 -14.83
CA MET J 117 -16.78 -13.79 -15.85
C MET J 117 -17.32 -14.24 -17.20
N ARG J 118 -18.01 -15.37 -17.23
CA ARG J 118 -18.56 -15.90 -18.47
C ARG J 118 -19.50 -14.92 -19.14
N VAL J 119 -20.46 -14.37 -18.39
CA VAL J 119 -21.41 -13.43 -18.98
C VAL J 119 -20.67 -12.24 -19.58
N LEU J 120 -19.94 -11.50 -18.76
CA LEU J 120 -19.22 -10.33 -19.24
C LEU J 120 -18.24 -10.63 -20.36
N ASN J 121 -17.48 -11.71 -20.27
CA ASN J 121 -16.52 -12.03 -21.33
C ASN J 121 -17.23 -12.35 -22.65
N ALA J 122 -18.40 -12.96 -22.57
CA ALA J 122 -19.16 -13.30 -23.77
C ALA J 122 -19.93 -12.10 -24.31
N CYS J 123 -20.31 -11.18 -23.43
CA CYS J 123 -21.06 -10.01 -23.86
C CYS J 123 -20.20 -8.82 -24.27
N PHE J 124 -18.90 -8.87 -23.99
CA PHE J 124 -18.05 -7.76 -24.34
C PHE J 124 -16.64 -8.12 -24.79
N SER J 125 -16.14 -7.30 -25.70
CA SER J 125 -14.79 -7.43 -26.25
C SER J 125 -14.16 -6.16 -25.75
N VAL J 126 -12.94 -6.25 -25.24
CA VAL J 126 -12.25 -5.07 -24.74
C VAL J 126 -10.90 -4.94 -25.40
N LYS J 127 -10.51 -3.72 -25.74
CA LYS J 127 -9.21 -3.53 -26.37
C LYS J 127 -8.40 -2.47 -25.65
N ARG J 128 -7.09 -2.55 -25.83
CA ARG J 128 -6.12 -1.66 -25.22
C ARG J 128 -6.21 -0.18 -25.58
N ILE J 129 -6.18 0.11 -26.88
CA ILE J 129 -6.18 1.50 -27.40
C ILE J 129 -4.77 2.05 -27.21
N PRO J 130 -3.87 1.77 -28.18
CA PRO J 130 -2.45 2.15 -28.28
C PRO J 130 -1.90 3.32 -27.46
N GLY J 131 -1.77 4.49 -28.08
CA GLY J 131 -1.21 5.63 -27.38
C GLY J 131 -2.12 6.32 -26.38
N LYS J 132 -2.83 5.54 -25.56
CA LYS J 132 -3.74 6.10 -24.58
C LYS J 132 -3.83 5.23 -23.33
N SER J 133 -4.34 5.80 -22.25
CA SER J 133 -4.49 5.08 -20.99
C SER J 133 -5.96 4.77 -20.74
N SER J 134 -6.58 4.05 -21.66
CA SER J 134 -7.98 3.68 -21.55
C SER J 134 -8.24 2.43 -22.37
N SER J 135 -9.47 1.93 -22.33
CA SER J 135 -9.83 0.75 -23.07
C SER J 135 -11.07 0.98 -23.90
N ILE J 136 -11.21 0.18 -24.95
CA ILE J 136 -12.35 0.24 -25.85
C ILE J 136 -13.26 -0.96 -25.55
N ILE J 137 -14.51 -0.68 -25.24
CA ILE J 137 -15.50 -1.70 -24.94
C ILE J 137 -16.57 -1.73 -26.03
N LYS J 138 -16.85 -2.92 -26.55
CA LYS J 138 -17.86 -3.08 -27.60
C LYS J 138 -18.78 -4.25 -27.28
N CYS J 139 -20.03 -4.15 -27.71
CA CYS J 139 -21.00 -5.21 -27.49
C CYS J 139 -20.82 -6.29 -28.55
N THR J 140 -20.99 -7.55 -28.15
CA THR J 140 -20.91 -8.67 -29.09
C THR J 140 -22.37 -8.94 -29.48
N LYS J 141 -22.63 -9.93 -30.32
CA LYS J 141 -24.01 -10.22 -30.73
C LYS J 141 -24.87 -10.69 -29.56
N LEU J 142 -24.25 -11.36 -28.59
CA LEU J 142 -24.99 -11.87 -27.44
C LEU J 142 -25.53 -10.72 -26.59
N MET J 143 -24.71 -9.68 -26.40
CA MET J 143 -25.12 -8.51 -25.62
C MET J 143 -26.23 -7.79 -26.37
N ARG J 144 -26.04 -7.61 -27.67
CA ARG J 144 -27.04 -6.97 -28.50
C ARG J 144 -28.39 -7.62 -28.29
N ASP J 145 -28.43 -8.95 -28.34
CA ASP J 145 -29.68 -9.66 -28.15
C ASP J 145 -30.25 -9.45 -26.74
N LYS J 146 -29.38 -9.27 -25.76
CA LYS J 146 -29.87 -9.04 -24.41
C LYS J 146 -30.58 -7.68 -24.39
N LEU J 147 -30.01 -6.69 -25.07
CA LEU J 147 -30.61 -5.37 -25.12
C LEU J 147 -32.01 -5.51 -25.74
N GLU J 148 -32.08 -6.17 -26.89
CA GLU J 148 -33.35 -6.42 -27.56
C GLU J 148 -34.32 -7.11 -26.59
N ARG J 149 -33.80 -7.54 -25.45
CA ARG J 149 -34.59 -8.20 -24.42
C ARG J 149 -34.53 -7.40 -23.11
N GLY J 150 -33.52 -7.63 -22.26
CA GLY J 150 -33.44 -6.88 -21.01
C GLY J 150 -32.11 -6.75 -20.27
N GLU J 151 -31.67 -5.51 -20.08
CA GLU J 151 -30.43 -5.18 -19.37
C GLU J 151 -30.75 -4.04 -18.39
N VAL J 152 -30.42 -4.22 -17.12
CA VAL J 152 -30.72 -3.22 -16.09
C VAL J 152 -29.98 -1.89 -16.18
N GLU J 153 -30.74 -0.79 -16.07
CA GLU J 153 -30.17 0.54 -16.12
C GLU J 153 -29.88 1.06 -14.72
N THR K 7 29.16 16.78 -0.89
CA THR K 7 27.76 16.66 -1.39
C THR K 7 26.95 15.72 -0.50
N GLN K 8 27.53 14.57 -0.17
CA GLN K 8 26.85 13.61 0.69
C GLN K 8 26.59 14.22 2.07
N GLN K 9 27.55 14.97 2.59
CA GLN K 9 27.39 15.62 3.89
C GLN K 9 26.25 16.64 3.78
N MET K 10 26.20 17.35 2.65
CA MET K 10 25.15 18.33 2.42
C MET K 10 23.78 17.67 2.35
N ALA K 11 23.70 16.53 1.67
CA ALA K 11 22.44 15.81 1.57
C ALA K 11 21.98 15.50 2.99
N VAL K 12 22.91 14.96 3.78
CA VAL K 12 22.62 14.63 5.17
C VAL K 12 22.12 15.89 5.83
N SER K 13 22.83 16.98 5.59
CA SER K 13 22.49 18.28 6.15
C SER K 13 21.07 18.71 5.77
N ILE K 14 20.76 18.62 4.47
CA ILE K 14 19.45 19.00 3.97
C ILE K 14 18.36 18.18 4.62
N ILE K 15 18.57 16.88 4.72
CA ILE K 15 17.61 15.97 5.33
C ILE K 15 17.32 16.38 6.78
N ASN K 16 18.36 16.67 7.56
CA ASN K 16 18.15 17.09 8.94
C ASN K 16 17.40 18.41 9.07
N SER K 17 17.74 19.37 8.21
CA SER K 17 17.06 20.65 8.22
C SER K 17 15.58 20.38 7.94
N SER K 18 15.31 19.38 7.10
CA SER K 18 13.94 19.00 6.77
C SER K 18 13.22 18.54 8.04
N PHE K 19 13.91 17.74 8.84
CA PHE K 19 13.35 17.26 10.09
C PHE K 19 13.07 18.44 11.03
N GLU K 20 14.03 19.36 11.12
CA GLU K 20 13.88 20.55 11.95
C GLU K 20 12.66 21.35 11.50
N ALA K 21 12.45 21.37 10.19
CA ALA K 21 11.33 22.10 9.62
C ALA K 21 10.00 21.48 10.02
N ALA K 22 9.89 20.15 9.95
CA ALA K 22 8.66 19.47 10.33
C ALA K 22 8.31 19.72 11.80
N VAL K 23 9.33 19.75 12.65
CA VAL K 23 9.12 19.99 14.06
C VAL K 23 8.59 21.42 14.29
N VAL K 24 9.30 22.41 13.75
CA VAL K 24 8.88 23.79 13.93
C VAL K 24 7.45 23.98 13.41
N ALA K 25 7.14 23.31 12.31
CA ALA K 25 5.83 23.40 11.71
C ALA K 25 4.78 22.86 12.67
N ALA K 26 5.03 21.65 13.16
CA ALA K 26 4.12 21.01 14.10
C ALA K 26 3.97 21.87 15.34
N THR K 27 5.10 22.13 15.99
CA THR K 27 5.15 22.91 17.22
C THR K 27 4.50 24.30 17.10
N SER K 28 4.75 25.00 16.00
CA SER K 28 4.16 26.33 15.85
C SER K 28 2.69 26.24 15.45
N ALA K 29 2.28 25.10 14.93
CA ALA K 29 0.89 24.94 14.55
C ALA K 29 0.07 24.78 15.82
N LEU K 30 0.58 24.00 16.78
CA LEU K 30 -0.13 23.83 18.04
C LEU K 30 -0.30 25.18 18.73
N GLU K 31 0.77 25.97 18.79
CA GLU K 31 0.75 27.28 19.43
C GLU K 31 -0.22 28.29 18.82
N ASN K 32 -0.24 28.38 17.50
CA ASN K 32 -1.12 29.32 16.84
C ASN K 32 -2.58 28.90 17.01
N MET K 33 -2.79 27.63 17.36
CA MET K 33 -4.16 27.13 17.54
C MET K 33 -4.53 27.06 19.02
N GLY K 34 -3.70 27.63 19.88
CA GLY K 34 -3.99 27.65 21.30
C GLY K 34 -4.02 26.28 21.96
N ILE K 35 -3.19 25.38 21.49
CA ILE K 35 -3.12 24.04 22.03
C ILE K 35 -1.78 23.89 22.73
N GLU K 36 -1.82 23.47 24.00
CA GLU K 36 -0.62 23.29 24.79
C GLU K 36 0.12 22.04 24.33
N TYR K 37 1.41 21.97 24.64
CA TYR K 37 2.23 20.81 24.25
C TYR K 37 3.59 20.88 24.90
N ASP K 38 4.26 19.73 25.00
CA ASP K 38 5.61 19.69 25.55
C ASP K 38 6.58 19.52 24.40
N TYR K 39 7.54 20.45 24.29
CA TYR K 39 8.53 20.39 23.22
C TYR K 39 9.00 18.97 22.99
N GLN K 40 9.58 18.39 24.03
CA GLN K 40 10.09 17.02 23.96
C GLN K 40 9.08 16.02 23.43
N ASP K 41 7.82 16.17 23.85
CA ASP K 41 6.78 15.25 23.40
C ASP K 41 6.67 15.33 21.89
N ILE K 42 6.38 16.53 21.38
CA ILE K 42 6.25 16.73 19.96
C ILE K 42 7.54 16.48 19.21
N TYR K 43 8.68 16.73 19.84
CA TYR K 43 9.96 16.49 19.17
C TYR K 43 10.07 15.00 18.88
N SER K 44 9.78 14.18 19.90
CA SER K 44 9.84 12.73 19.78
C SER K 44 8.84 12.17 18.77
N ARG K 45 7.63 12.72 18.75
CA ARG K 45 6.61 12.23 17.83
C ARG K 45 6.98 12.43 16.38
N VAL K 46 7.39 13.64 16.03
CA VAL K 46 7.77 13.98 14.68
C VAL K 46 9.00 13.21 14.23
N LYS K 47 9.92 12.96 15.16
CA LYS K 47 11.15 12.24 14.88
C LYS K 47 10.85 10.78 14.55
N ASN K 48 10.04 10.14 15.37
CA ASN K 48 9.69 8.75 15.11
C ASN K 48 9.11 8.61 13.72
N LYS K 49 8.20 9.53 13.39
CA LYS K 49 7.55 9.52 12.09
C LYS K 49 8.53 9.77 10.95
N PHE K 50 9.28 10.87 11.04
CA PHE K 50 10.25 11.24 10.02
C PHE K 50 11.26 10.12 9.78
N ASP K 51 11.81 9.56 10.85
CA ASP K 51 12.77 8.48 10.71
C ASP K 51 12.15 7.26 10.05
N PHE K 52 10.96 6.89 10.50
CA PHE K 52 10.31 5.72 9.90
C PHE K 52 9.96 5.96 8.44
N VAL K 53 9.43 7.14 8.15
CA VAL K 53 9.06 7.47 6.80
C VAL K 53 10.27 7.48 5.89
N MET K 54 11.32 8.17 6.29
CA MET K 54 12.54 8.26 5.48
C MET K 54 13.23 6.91 5.27
N ASP K 55 13.20 6.06 6.30
CA ASP K 55 13.83 4.75 6.24
C ASP K 55 12.95 3.75 5.48
N ASP K 56 11.73 3.57 5.97
CA ASP K 56 10.79 2.65 5.33
C ASP K 56 10.54 2.97 3.86
N SER K 57 10.48 4.26 3.52
CA SER K 57 10.24 4.67 2.15
C SER K 57 11.43 4.39 1.24
N GLY K 58 12.60 4.20 1.85
CA GLY K 58 13.81 3.95 1.09
C GLY K 58 14.27 5.25 0.48
N VAL K 59 13.63 6.34 0.90
CA VAL K 59 13.96 7.67 0.37
C VAL K 59 15.23 8.24 0.97
N LYS K 60 15.64 7.80 2.14
CA LYS K 60 16.87 8.34 2.68
C LYS K 60 17.99 7.82 1.80
N ASN K 61 17.96 6.52 1.52
CA ASN K 61 18.96 5.88 0.68
C ASN K 61 18.99 6.49 -0.72
N ASN K 62 17.83 6.87 -1.26
CA ASN K 62 17.76 7.45 -2.61
C ASN K 62 18.65 8.71 -2.80
N PRO K 63 18.46 9.76 -1.97
CA PRO K 63 19.20 11.02 -2.01
C PRO K 63 20.66 10.92 -1.66
N ILE K 64 20.95 10.22 -0.56
CA ILE K 64 22.33 10.05 -0.15
C ILE K 64 23.06 9.36 -1.30
N GLY K 65 22.41 8.36 -1.89
CA GLY K 65 23.00 7.65 -3.00
C GLY K 65 23.24 8.62 -4.14
N LYS K 66 22.23 9.44 -4.46
CA LYS K 66 22.38 10.42 -5.54
C LYS K 66 23.49 11.40 -5.15
N ALA K 67 23.52 11.80 -3.88
CA ALA K 67 24.56 12.71 -3.42
C ALA K 67 25.94 12.11 -3.68
N ILE K 68 26.08 10.82 -3.40
CA ILE K 68 27.35 10.12 -3.60
C ILE K 68 27.75 10.07 -5.08
N THR K 69 26.76 9.90 -5.94
CA THR K 69 27.01 9.85 -7.37
C THR K 69 27.63 11.17 -7.81
N ILE K 70 27.18 12.26 -7.21
CA ILE K 70 27.70 13.57 -7.57
C ILE K 70 29.14 13.73 -7.05
N ASP K 71 29.39 13.28 -5.83
CA ASP K 71 30.74 13.37 -5.29
C ASP K 71 31.70 12.67 -6.24
N GLN K 72 31.35 11.45 -6.64
CA GLN K 72 32.19 10.69 -7.54
C GLN K 72 32.41 11.44 -8.86
N ALA K 73 31.35 11.97 -9.45
CA ALA K 73 31.53 12.70 -10.69
C ALA K 73 32.52 13.85 -10.45
N LEU K 74 32.49 14.42 -9.25
CA LEU K 74 33.40 15.51 -8.90
C LEU K 74 34.83 15.00 -8.71
N ASN K 75 34.97 13.70 -8.51
CA ASN K 75 36.30 13.10 -8.34
C ASN K 75 36.68 12.46 -9.67
N ASN K 76 36.03 12.91 -10.74
CA ASN K 76 36.27 12.42 -12.10
C ASN K 76 35.80 10.99 -12.39
N LYS K 77 34.78 10.53 -11.67
CA LYS K 77 34.20 9.21 -11.87
C LYS K 77 32.74 9.44 -12.29
N PHE K 78 32.54 9.79 -13.56
CA PHE K 78 31.20 10.07 -14.07
C PHE K 78 30.35 8.85 -14.38
N GLY K 79 30.92 7.67 -14.16
CA GLY K 79 30.17 6.46 -14.43
C GLY K 79 28.75 6.47 -13.90
N SER K 80 28.57 6.94 -12.67
CA SER K 80 27.23 6.95 -12.09
C SER K 80 26.39 8.11 -12.62
N ALA K 81 26.99 9.29 -12.76
CA ALA K 81 26.26 10.43 -13.31
C ALA K 81 25.81 10.03 -14.71
N ILE K 82 26.67 9.30 -15.41
CA ILE K 82 26.36 8.85 -16.76
C ILE K 82 25.18 7.88 -16.68
N ARG K 83 25.20 7.01 -15.67
CA ARG K 83 24.11 6.06 -15.49
C ARG K 83 22.81 6.83 -15.21
N ASN K 84 22.91 7.92 -14.46
CA ASN K 84 21.75 8.73 -14.14
C ASN K 84 21.13 9.31 -15.40
N ARG K 85 21.96 9.89 -16.26
CA ARG K 85 21.48 10.48 -17.51
C ARG K 85 20.79 9.43 -18.38
N ASN K 86 21.48 8.31 -18.62
CA ASN K 86 20.89 7.24 -19.44
C ASN K 86 19.57 6.75 -18.88
N TRP K 87 19.51 6.57 -17.56
CA TRP K 87 18.29 6.10 -16.92
C TRP K 87 17.12 7.04 -17.22
N LEU K 88 17.29 8.30 -16.87
CA LEU K 88 16.28 9.31 -17.09
C LEU K 88 15.95 9.43 -18.57
N ALA K 89 16.90 9.08 -19.44
CA ALA K 89 16.73 9.16 -20.89
C ALA K 89 16.07 7.96 -21.54
N ASP K 90 16.11 6.81 -20.88
CA ASP K 90 15.49 5.59 -21.40
C ASP K 90 14.12 5.89 -22.00
N THR K 91 13.91 5.45 -23.23
CA THR K 91 12.64 5.69 -23.90
C THR K 91 11.42 5.28 -23.07
N SER K 92 11.57 4.25 -22.25
CA SER K 92 10.47 3.77 -21.42
C SER K 92 10.43 4.25 -19.97
N ARG K 93 11.43 5.03 -19.58
CA ARG K 93 11.52 5.53 -18.20
C ARG K 93 10.19 6.07 -17.67
N PRO K 94 9.55 7.00 -18.40
CA PRO K 94 8.27 7.57 -17.95
C PRO K 94 7.20 6.50 -17.79
N ALA K 95 7.13 5.58 -18.74
CA ALA K 95 6.14 4.51 -18.66
C ALA K 95 6.38 3.74 -17.36
N LYS K 96 7.63 3.37 -17.13
CA LYS K 96 8.04 2.63 -15.93
C LYS K 96 7.74 3.37 -14.64
N LEU K 97 8.14 4.63 -14.55
CA LEU K 97 7.88 5.38 -13.33
C LEU K 97 6.39 5.58 -13.20
N ASP K 98 5.74 5.76 -14.35
CA ASP K 98 4.31 5.97 -14.38
C ASP K 98 3.53 4.81 -13.80
N GLU K 99 3.96 3.60 -14.15
CA GLU K 99 3.29 2.40 -13.65
C GLU K 99 3.56 2.28 -12.15
N ASP K 100 4.78 2.61 -11.74
CA ASP K 100 5.18 2.58 -10.34
C ASP K 100 4.28 3.56 -9.57
N VAL K 101 4.29 4.80 -10.01
CA VAL K 101 3.49 5.84 -9.38
C VAL K 101 2.00 5.45 -9.28
N ASN K 102 1.44 4.89 -10.34
CA ASN K 102 0.03 4.51 -10.32
C ASN K 102 -0.28 3.48 -9.26
N LYS K 103 0.50 2.40 -9.19
CA LYS K 103 0.27 1.36 -8.18
C LYS K 103 0.24 2.02 -6.79
N LEU K 104 1.25 2.83 -6.51
CA LEU K 104 1.38 3.53 -5.24
C LEU K 104 0.14 4.36 -4.92
N ARG K 105 -0.30 5.16 -5.88
CA ARG K 105 -1.47 6.01 -5.68
C ARG K 105 -2.75 5.24 -5.48
N MET K 106 -2.88 4.08 -6.11
CA MET K 106 -4.09 3.29 -5.93
C MET K 106 -4.17 2.81 -4.49
N MET K 107 -3.00 2.65 -3.86
CA MET K 107 -2.95 2.18 -2.47
C MET K 107 -3.47 3.19 -1.46
N LEU K 108 -3.26 4.49 -1.72
CA LEU K 108 -3.71 5.52 -0.80
C LEU K 108 -5.20 5.42 -0.48
N GLY K 112 -8.60 -1.88 2.25
CA GLY K 112 -8.57 -3.28 1.77
C GLY K 112 -7.16 -3.85 1.78
N ILE K 113 -6.89 -4.74 0.83
CA ILE K 113 -5.58 -5.36 0.69
C ILE K 113 -5.24 -6.35 1.80
N ASP K 114 -6.11 -6.49 2.80
CA ASP K 114 -5.86 -7.42 3.91
C ASP K 114 -5.75 -8.87 3.45
N GLN K 115 -6.77 -9.35 2.76
CA GLN K 115 -6.78 -10.74 2.29
C GLN K 115 -5.58 -10.94 1.37
N LYS K 116 -5.40 -9.99 0.46
CA LYS K 116 -4.31 -10.01 -0.49
C LYS K 116 -2.95 -10.22 0.19
N MET K 117 -2.69 -9.44 1.25
CA MET K 117 -1.44 -9.53 1.98
C MET K 117 -1.26 -10.86 2.67
N ARG K 118 -2.34 -11.37 3.25
CA ARG K 118 -2.30 -12.63 3.95
C ARG K 118 -1.71 -13.70 3.04
N VAL K 119 -2.22 -13.75 1.80
CA VAL K 119 -1.77 -14.72 0.82
C VAL K 119 -0.33 -14.41 0.39
N LEU K 120 -0.07 -13.12 0.12
CA LEU K 120 1.27 -12.70 -0.30
C LEU K 120 2.32 -12.87 0.81
N ASN K 121 1.97 -12.50 2.04
CA ASN K 121 2.90 -12.64 3.16
C ASN K 121 3.34 -14.07 3.44
N ALA K 122 2.51 -15.03 3.07
CA ALA K 122 2.82 -16.44 3.32
C ALA K 122 3.66 -17.06 2.22
N CYS K 123 3.86 -16.33 1.12
CA CYS K 123 4.65 -16.88 0.03
C CYS K 123 5.87 -16.06 -0.30
N PHE K 124 5.85 -14.78 0.06
CA PHE K 124 6.98 -13.92 -0.25
C PHE K 124 7.54 -13.14 0.93
N SER K 125 8.82 -12.84 0.85
CA SER K 125 9.54 -12.07 1.86
C SER K 125 10.13 -10.83 1.16
N VAL K 126 10.02 -9.67 1.80
CA VAL K 126 10.55 -8.43 1.23
C VAL K 126 11.84 -8.02 1.93
N LYS K 127 12.90 -7.82 1.16
CA LYS K 127 14.20 -7.45 1.72
C LYS K 127 14.81 -6.20 1.06
N ARG K 128 15.99 -5.82 1.53
CA ARG K 128 16.67 -4.64 0.98
C ARG K 128 18.20 -4.72 1.00
N ILE K 129 18.80 -4.51 -0.17
CA ILE K 129 20.24 -4.51 -0.30
C ILE K 129 20.69 -3.17 0.29
N PRO K 130 21.54 -3.18 1.33
CA PRO K 130 22.05 -1.99 2.00
C PRO K 130 22.36 -0.82 1.08
N GLY K 131 21.86 0.35 1.41
CA GLY K 131 22.11 1.53 0.60
C GLY K 131 21.14 1.71 -0.55
N LYS K 132 20.33 0.70 -0.86
CA LYS K 132 19.39 0.78 -1.97
C LYS K 132 17.97 1.25 -1.65
N SER K 133 17.36 1.90 -2.62
CA SER K 133 15.98 2.39 -2.45
C SER K 133 14.99 1.36 -2.98
N SER K 134 15.43 0.50 -3.88
CA SER K 134 14.55 -0.53 -4.42
C SER K 134 14.54 -1.68 -3.44
N SER K 135 13.83 -2.75 -3.77
CA SER K 135 13.73 -3.90 -2.89
C SER K 135 14.19 -5.21 -3.51
N ILE K 136 14.16 -6.26 -2.71
CA ILE K 136 14.51 -7.61 -3.15
C ILE K 136 13.34 -8.47 -2.66
N ILE K 137 12.81 -9.30 -3.56
CA ILE K 137 11.73 -10.19 -3.20
C ILE K 137 12.31 -11.59 -3.11
N LYS K 138 12.03 -12.27 -2.02
CA LYS K 138 12.56 -13.61 -1.82
C LYS K 138 11.45 -14.65 -1.67
N CYS K 139 11.64 -15.79 -2.34
CA CYS K 139 10.69 -16.89 -2.31
C CYS K 139 11.45 -18.19 -2.57
N THR K 140 10.72 -19.29 -2.71
CA THR K 140 11.32 -20.60 -2.97
C THR K 140 11.53 -20.71 -4.49
N LYS K 141 12.40 -21.61 -4.92
CA LYS K 141 12.62 -21.80 -6.36
C LYS K 141 11.32 -22.33 -6.96
N LEU K 142 10.64 -23.20 -6.22
CA LEU K 142 9.38 -23.77 -6.68
C LEU K 142 8.44 -22.64 -7.06
N MET K 143 8.28 -21.68 -6.16
CA MET K 143 7.42 -20.54 -6.42
C MET K 143 7.99 -19.72 -7.57
N ARG K 144 9.27 -19.37 -7.47
CA ARG K 144 9.93 -18.59 -8.50
C ARG K 144 9.67 -19.17 -9.90
N ASP K 145 10.09 -20.42 -10.10
CA ASP K 145 9.90 -21.09 -11.38
C ASP K 145 8.41 -21.10 -11.76
N LYS K 146 7.55 -21.39 -10.79
CA LYS K 146 6.12 -21.41 -11.05
C LYS K 146 5.71 -20.02 -11.53
N LEU K 147 6.26 -19.00 -10.87
CA LEU K 147 5.97 -17.61 -11.21
C LEU K 147 6.45 -17.33 -12.63
N GLU K 148 7.69 -17.70 -12.90
CA GLU K 148 8.29 -17.51 -14.21
C GLU K 148 7.69 -18.53 -15.19
N ARG K 149 6.36 -18.55 -15.24
CA ARG K 149 5.64 -19.45 -16.13
C ARG K 149 4.21 -18.92 -16.26
N GLY K 150 3.73 -18.26 -15.21
CA GLY K 150 2.39 -17.71 -15.25
C GLY K 150 1.68 -17.70 -13.91
N GLU K 151 0.35 -17.59 -13.96
CA GLU K 151 -0.48 -17.55 -12.77
C GLU K 151 -0.14 -18.70 -11.80
N VAL K 152 -0.48 -18.53 -10.53
CA VAL K 152 -0.21 -19.54 -9.52
C VAL K 152 -1.27 -19.61 -8.44
N GLU K 153 -1.73 -20.83 -8.14
CA GLU K 153 -2.73 -21.05 -7.10
C GLU K 153 -1.95 -21.35 -5.83
N VAL K 154 -2.48 -20.94 -4.68
CA VAL K 154 -1.77 -21.17 -3.42
C VAL K 154 -2.39 -22.14 -2.43
N ASP K 155 -3.72 -22.26 -2.47
CA ASP K 155 -4.48 -23.12 -1.55
C ASP K 155 -4.61 -22.41 -0.21
N ASP K 156 -5.84 -22.05 0.15
CA ASP K 156 -6.10 -21.37 1.40
C ASP K 156 -5.49 -22.10 2.60
N SER K 157 -5.27 -23.40 2.45
CA SER K 157 -4.69 -24.21 3.53
C SER K 157 -3.25 -23.79 3.84
N PHE K 158 -2.40 -23.77 2.80
CA PHE K 158 -1.00 -23.40 2.96
C PHE K 158 -0.86 -22.06 3.67
N VAL K 159 -1.59 -21.06 3.22
CA VAL K 159 -1.52 -19.73 3.84
C VAL K 159 -1.73 -19.84 5.35
N ASP K 160 -2.86 -20.42 5.75
CA ASP K 160 -3.19 -20.61 7.17
C ASP K 160 -2.06 -21.34 7.87
N GLU K 161 -1.49 -22.33 7.19
CA GLU K 161 -0.39 -23.09 7.75
C GLU K 161 0.75 -22.14 8.14
N LYS K 162 0.68 -20.91 7.62
CA LYS K 162 1.68 -19.89 7.90
C LYS K 162 1.04 -18.67 8.57
N MET K 163 -0.05 -18.90 9.32
CA MET K 163 -0.77 -17.83 10.01
C MET K 163 -1.55 -16.94 9.04
N GLY L 2 17.96 16.35 -25.03
CA GLY L 2 17.27 17.12 -23.96
C GLY L 2 17.48 16.50 -22.59
N SER L 3 18.66 15.90 -22.39
CA SER L 3 19.02 15.28 -21.13
C SER L 3 20.22 16.01 -20.55
N MET L 4 20.62 17.07 -21.23
CA MET L 4 21.76 17.89 -20.85
C MET L 4 21.68 18.56 -19.47
N GLU L 5 20.64 18.24 -18.71
CA GLU L 5 20.47 18.80 -17.37
C GLU L 5 20.14 17.70 -16.38
N SER L 6 20.40 16.47 -16.79
CA SER L 6 20.13 15.28 -15.99
C SER L 6 20.58 15.38 -14.54
N THR L 7 21.83 15.79 -14.34
CA THR L 7 22.40 15.90 -13.01
C THR L 7 21.70 16.96 -12.17
N GLN L 8 21.43 18.12 -12.76
CA GLN L 8 20.74 19.17 -12.03
C GLN L 8 19.36 18.71 -11.61
N GLN L 9 18.66 18.02 -12.51
CA GLN L 9 17.32 17.53 -12.20
C GLN L 9 17.38 16.62 -10.99
N MET L 10 18.25 15.62 -11.07
CA MET L 10 18.45 14.67 -10.01
C MET L 10 18.79 15.35 -8.68
N ALA L 11 19.69 16.33 -8.75
CA ALA L 11 20.14 17.05 -7.57
C ALA L 11 18.99 17.73 -6.83
N VAL L 12 18.10 18.35 -7.58
CA VAL L 12 16.96 19.04 -6.98
C VAL L 12 16.02 18.10 -6.24
N SER L 13 15.96 16.84 -6.68
CA SER L 13 15.08 15.89 -6.02
C SER L 13 15.57 15.66 -4.60
N ILE L 14 16.79 16.11 -4.32
CA ILE L 14 17.31 15.94 -2.96
C ILE L 14 16.67 17.03 -2.10
N ILE L 15 16.61 18.24 -2.63
CA ILE L 15 16.00 19.36 -1.90
C ILE L 15 14.49 19.13 -1.78
N ASN L 16 13.87 18.81 -2.91
CA ASN L 16 12.43 18.58 -2.97
C ASN L 16 11.87 17.36 -2.22
N SER L 17 12.55 16.22 -2.27
CA SER L 17 12.04 15.04 -1.56
C SER L 17 12.20 15.25 -0.06
N SER L 18 13.28 15.91 0.34
CA SER L 18 13.51 16.22 1.75
C SER L 18 12.35 17.09 2.24
N PHE L 19 11.99 18.10 1.44
CA PHE L 19 10.90 19.01 1.79
C PHE L 19 9.57 18.25 1.90
N GLU L 20 9.31 17.37 0.93
CA GLU L 20 8.08 16.59 0.94
C GLU L 20 8.03 15.65 2.14
N ALA L 21 9.19 15.16 2.59
CA ALA L 21 9.22 14.26 3.75
C ALA L 21 8.85 15.04 4.99
N ALA L 22 9.26 16.31 5.00
CA ALA L 22 8.99 17.19 6.12
C ALA L 22 7.49 17.45 6.26
N VAL L 23 6.85 17.78 5.14
CA VAL L 23 5.42 18.04 5.15
C VAL L 23 4.66 16.80 5.60
N VAL L 24 5.07 15.63 5.10
CA VAL L 24 4.42 14.37 5.45
C VAL L 24 4.53 14.12 6.94
N ALA L 25 5.75 14.24 7.46
CA ALA L 25 5.97 14.00 8.87
C ALA L 25 5.07 14.89 9.72
N ALA L 26 5.22 16.21 9.54
CA ALA L 26 4.44 17.17 10.31
C ALA L 26 2.92 16.92 10.25
N THR L 27 2.34 16.95 9.05
CA THR L 27 0.90 16.74 8.93
C THR L 27 0.51 15.38 9.53
N SER L 28 1.32 14.36 9.26
CA SER L 28 1.06 13.01 9.77
C SER L 28 1.07 12.92 11.31
N ALA L 29 2.01 13.63 11.94
CA ALA L 29 2.14 13.62 13.40
C ALA L 29 0.93 14.25 14.09
N LEU L 30 0.51 15.40 13.59
CA LEU L 30 -0.64 16.11 14.15
C LEU L 30 -1.89 15.26 13.96
N GLU L 31 -1.96 14.56 12.82
CA GLU L 31 -3.10 13.72 12.54
C GLU L 31 -3.18 12.57 13.55
N ASN L 32 -2.05 11.95 13.86
CA ASN L 32 -2.04 10.85 14.83
C ASN L 32 -2.33 11.35 16.23
N MET L 33 -2.16 12.65 16.45
CA MET L 33 -2.45 13.24 17.75
C MET L 33 -3.93 13.62 17.80
N GLY L 34 -4.59 13.50 16.65
CA GLY L 34 -5.99 13.83 16.54
C GLY L 34 -6.25 15.30 16.29
N ILE L 35 -5.21 16.12 16.40
CA ILE L 35 -5.37 17.55 16.20
C ILE L 35 -5.70 17.95 14.77
N GLU L 36 -6.78 18.72 14.63
CA GLU L 36 -7.21 19.21 13.33
C GLU L 36 -6.19 20.26 12.92
N TYR L 37 -5.91 20.33 11.62
CA TYR L 37 -4.94 21.28 11.10
C TYR L 37 -5.29 21.61 9.66
N ASP L 38 -4.66 22.64 9.11
CA ASP L 38 -4.89 23.02 7.72
C ASP L 38 -3.63 22.66 6.94
N TYR L 39 -3.75 21.74 5.98
CA TYR L 39 -2.62 21.30 5.17
C TYR L 39 -1.74 22.44 4.65
N GLN L 40 -2.35 23.36 3.92
CA GLN L 40 -1.62 24.50 3.37
C GLN L 40 -0.85 25.26 4.44
N ASP L 41 -1.41 25.34 5.64
CA ASP L 41 -0.73 26.04 6.73
C ASP L 41 0.52 25.28 7.17
N ILE L 42 0.39 23.99 7.45
CA ILE L 42 1.56 23.22 7.88
C ILE L 42 2.58 23.24 6.74
N TYR L 43 2.08 23.14 5.51
CA TYR L 43 2.91 23.15 4.31
C TYR L 43 3.73 24.44 4.24
N SER L 44 3.07 25.56 4.51
CA SER L 44 3.69 26.88 4.48
C SER L 44 4.73 27.08 5.59
N ARG L 45 4.48 26.50 6.75
CA ARG L 45 5.40 26.62 7.87
C ARG L 45 6.68 25.83 7.61
N VAL L 46 6.55 24.65 7.03
CA VAL L 46 7.72 23.83 6.73
C VAL L 46 8.58 24.53 5.67
N LYS L 47 7.91 25.06 4.65
CA LYS L 47 8.58 25.76 3.57
C LYS L 47 9.36 26.98 4.06
N ASN L 48 8.72 27.75 4.93
CA ASN L 48 9.30 28.96 5.52
C ASN L 48 10.60 28.68 6.27
N LYS L 49 10.58 27.65 7.09
CA LYS L 49 11.74 27.24 7.89
C LYS L 49 12.81 26.58 7.03
N PHE L 50 12.37 25.60 6.23
CA PHE L 50 13.25 24.85 5.34
C PHE L 50 13.91 25.79 4.33
N ASP L 51 13.11 26.58 3.63
CA ASP L 51 13.63 27.51 2.63
C ASP L 51 14.65 28.49 3.20
N PHE L 52 14.43 28.96 4.42
CA PHE L 52 15.35 29.90 5.03
C PHE L 52 16.70 29.27 5.39
N VAL L 53 16.67 28.03 5.87
CA VAL L 53 17.89 27.34 6.26
C VAL L 53 18.74 26.86 5.08
N MET L 54 18.13 26.16 4.13
CA MET L 54 18.93 25.67 3.01
C MET L 54 19.13 26.73 1.95
N ASP L 55 18.08 27.50 1.71
CA ASP L 55 18.13 28.52 0.68
C ASP L 55 18.57 29.89 1.18
N ASP L 56 19.62 29.88 2.00
CA ASP L 56 20.17 31.10 2.58
C ASP L 56 21.25 30.63 3.55
N SER L 57 22.30 30.05 2.99
CA SER L 57 23.42 29.53 3.75
C SER L 57 24.24 28.80 2.70
N GLY L 58 23.68 28.76 1.49
CA GLY L 58 24.35 28.13 0.37
C GLY L 58 24.15 26.63 0.25
N VAL L 59 23.18 26.06 0.97
CA VAL L 59 22.95 24.63 0.89
C VAL L 59 21.86 24.31 -0.12
N LYS L 60 22.15 24.66 -1.35
CA LYS L 60 21.23 24.42 -2.47
C LYS L 60 21.98 25.01 -3.63
N ASN L 61 22.47 26.22 -3.42
CA ASN L 61 23.26 26.92 -4.42
C ASN L 61 24.49 26.05 -4.65
N ASN L 62 25.02 25.51 -3.55
CA ASN L 62 26.20 24.66 -3.61
C ASN L 62 25.90 23.36 -4.37
N PRO L 63 24.89 22.61 -3.90
CA PRO L 63 24.50 21.35 -4.55
C PRO L 63 24.22 21.49 -6.02
N ILE L 64 23.42 22.50 -6.36
CA ILE L 64 23.06 22.77 -7.75
C ILE L 64 24.29 23.15 -8.56
N GLY L 65 25.16 23.97 -7.96
CA GLY L 65 26.38 24.38 -8.64
C GLY L 65 27.20 23.18 -9.07
N LYS L 66 27.39 22.23 -8.14
CA LYS L 66 28.14 21.02 -8.42
C LYS L 66 27.47 20.23 -9.55
N ALA L 67 26.16 20.05 -9.46
CA ALA L 67 25.44 19.30 -10.48
C ALA L 67 25.65 19.97 -11.84
N ILE L 68 25.62 21.29 -11.88
CA ILE L 68 25.81 22.01 -13.13
C ILE L 68 27.23 21.82 -13.65
N THR L 69 28.19 21.65 -12.75
CA THR L 69 29.57 21.43 -13.18
C THR L 69 29.61 20.07 -13.84
N ILE L 70 28.87 19.12 -13.27
CA ILE L 70 28.82 17.77 -13.80
C ILE L 70 28.05 17.71 -15.14
N ASP L 71 26.92 18.41 -15.22
CA ASP L 71 26.18 18.42 -16.46
C ASP L 71 27.02 18.98 -17.62
N GLN L 72 27.83 20.00 -17.34
CA GLN L 72 28.67 20.57 -18.40
C GLN L 72 29.66 19.52 -18.91
N ALA L 73 30.37 18.88 -17.97
CA ALA L 73 31.36 17.86 -18.33
C ALA L 73 30.72 16.75 -19.16
N LEU L 74 29.60 16.21 -18.68
CA LEU L 74 28.90 15.16 -19.40
C LEU L 74 28.54 15.73 -20.76
N ASN L 75 28.10 16.98 -20.76
CA ASN L 75 27.69 17.67 -21.97
C ASN L 75 28.84 18.01 -22.90
N ASP L 90 12.56 14.06 -23.65
CA ASP L 90 13.48 14.78 -22.72
C ASP L 90 13.68 14.00 -21.43
N THR L 91 14.32 14.65 -20.46
CA THR L 91 14.59 14.05 -19.16
C THR L 91 13.73 14.67 -18.07
N SER L 92 13.12 15.81 -18.36
CA SER L 92 12.29 16.51 -17.40
C SER L 92 11.15 15.65 -16.84
N ARG L 93 10.32 15.13 -17.73
CA ARG L 93 9.23 14.30 -17.27
C ARG L 93 9.77 13.22 -16.34
N PRO L 94 10.71 12.39 -16.82
CA PRO L 94 11.24 11.38 -15.91
C PRO L 94 12.25 12.07 -15.00
N ALA L 95 11.78 12.48 -13.85
CA ALA L 95 12.59 13.18 -12.86
C ALA L 95 11.53 13.59 -11.86
N LYS L 96 10.48 14.20 -12.39
CA LYS L 96 9.33 14.61 -11.61
C LYS L 96 8.66 13.30 -11.19
N LEU L 97 8.59 12.37 -12.14
CA LEU L 97 8.01 11.06 -11.86
C LEU L 97 8.86 10.35 -10.81
N ASP L 98 10.17 10.55 -10.88
CA ASP L 98 11.11 9.97 -9.91
C ASP L 98 10.75 10.56 -8.55
N GLU L 99 10.58 11.87 -8.51
CA GLU L 99 10.22 12.57 -7.28
C GLU L 99 8.86 12.14 -6.73
N ASP L 100 7.90 11.89 -7.61
CA ASP L 100 6.57 11.47 -7.17
C ASP L 100 6.61 10.08 -6.54
N VAL L 101 7.53 9.23 -7.00
CA VAL L 101 7.66 7.91 -6.43
C VAL L 101 8.07 8.08 -4.96
N ASN L 102 9.08 8.91 -4.71
CA ASN L 102 9.55 9.15 -3.34
C ASN L 102 8.41 9.68 -2.48
N LYS L 103 7.72 10.69 -3.00
CA LYS L 103 6.61 11.31 -2.30
C LYS L 103 5.52 10.29 -1.96
N LEU L 104 5.06 9.56 -2.97
CA LEU L 104 4.00 8.57 -2.77
C LEU L 104 4.37 7.47 -1.77
N ARG L 105 5.62 7.03 -1.78
CA ARG L 105 6.07 6.00 -0.83
C ARG L 105 6.00 6.54 0.58
N MET L 106 6.47 7.77 0.77
CA MET L 106 6.48 8.40 2.08
C MET L 106 5.08 8.65 2.63
N MET L 107 4.17 9.11 1.78
CA MET L 107 2.79 9.38 2.20
C MET L 107 2.15 8.13 2.75
N LEU L 108 2.26 7.05 2.00
CA LEU L 108 1.72 5.75 2.39
C LEU L 108 2.42 5.27 3.67
N SER L 109 3.75 5.29 3.66
CA SER L 109 4.57 4.88 4.79
C SER L 109 4.12 5.51 6.10
N SER L 110 3.80 6.81 6.03
CA SER L 110 3.37 7.56 7.21
C SER L 110 2.03 7.08 7.73
N LYS L 111 1.26 6.41 6.87
CA LYS L 111 -0.06 5.92 7.24
C LYS L 111 -0.06 4.49 7.76
N GLY L 112 1.12 3.90 7.90
CA GLY L 112 1.21 2.54 8.39
C GLY L 112 1.23 1.47 7.30
N ILE L 113 1.33 1.92 6.06
CA ILE L 113 1.39 1.00 4.93
C ILE L 113 2.88 0.95 4.58
N ASP L 114 3.60 0.03 5.21
CA ASP L 114 5.06 -0.09 5.00
C ASP L 114 5.49 -0.69 3.67
N GLN L 115 6.81 -0.80 3.51
CA GLN L 115 7.39 -1.32 2.28
C GLN L 115 6.99 -2.75 1.94
N LYS L 116 6.87 -3.61 2.93
CA LYS L 116 6.46 -4.99 2.68
C LYS L 116 5.12 -4.96 1.95
N MET L 117 4.18 -4.19 2.50
CA MET L 117 2.88 -4.08 1.90
C MET L 117 2.91 -3.52 0.48
N ARG L 118 3.61 -2.39 0.31
CA ARG L 118 3.67 -1.75 -0.99
C ARG L 118 4.34 -2.59 -2.06
N VAL L 119 5.49 -3.18 -1.74
CA VAL L 119 6.20 -4.00 -2.71
C VAL L 119 5.37 -5.18 -3.21
N LEU L 120 4.72 -5.88 -2.28
CA LEU L 120 3.93 -7.04 -2.65
C LEU L 120 2.63 -6.68 -3.38
N ASN L 121 1.93 -5.65 -2.91
CA ASN L 121 0.68 -5.25 -3.55
C ASN L 121 0.91 -4.69 -4.96
N ALA L 122 2.10 -4.19 -5.23
CA ALA L 122 2.42 -3.64 -6.55
C ALA L 122 2.96 -4.72 -7.48
N CYS L 123 3.60 -5.71 -6.88
CA CYS L 123 4.20 -6.81 -7.63
C CYS L 123 3.26 -7.97 -7.90
N PHE L 124 2.17 -8.06 -7.16
CA PHE L 124 1.24 -9.16 -7.36
C PHE L 124 -0.24 -8.80 -7.28
N SER L 125 -1.03 -9.52 -8.07
CA SER L 125 -2.48 -9.37 -8.11
C SER L 125 -2.93 -10.71 -7.57
N VAL L 126 -3.89 -10.70 -6.65
CA VAL L 126 -4.39 -11.93 -6.05
C VAL L 126 -5.90 -12.05 -6.23
N LYS L 127 -6.37 -13.25 -6.56
CA LYS L 127 -7.80 -13.44 -6.75
C LYS L 127 -8.35 -14.60 -5.93
N ARG L 128 -9.63 -14.52 -5.63
CA ARG L 128 -10.37 -15.50 -4.84
C ARG L 128 -10.44 -16.91 -5.39
N ILE L 129 -10.93 -17.04 -6.61
CA ILE L 129 -11.12 -18.34 -7.26
C ILE L 129 -12.41 -18.95 -6.67
N PRO L 130 -13.56 -18.64 -7.29
CA PRO L 130 -14.91 -19.06 -6.96
C PRO L 130 -15.10 -20.34 -6.13
N GLY L 131 -15.50 -21.43 -6.79
CA GLY L 131 -15.73 -22.68 -6.08
C GLY L 131 -14.50 -23.42 -5.60
N LYS L 132 -13.60 -22.72 -4.96
CA LYS L 132 -12.38 -23.33 -4.45
C LYS L 132 -11.86 -22.60 -3.23
N SER L 133 -11.06 -23.30 -2.44
CA SER L 133 -10.48 -22.74 -1.22
C SER L 133 -9.02 -22.41 -1.45
N SER L 134 -8.76 -21.56 -2.44
CA SER L 134 -7.40 -21.14 -2.75
C SER L 134 -7.47 -19.81 -3.46
N SER L 135 -6.32 -19.21 -3.72
CA SER L 135 -6.26 -17.93 -4.40
C SER L 135 -5.31 -17.99 -5.58
N ILE L 136 -5.50 -17.06 -6.51
CA ILE L 136 -4.67 -17.01 -7.70
C ILE L 136 -3.68 -15.85 -7.60
N ILE L 137 -2.40 -16.14 -7.79
CA ILE L 137 -1.35 -15.14 -7.73
C ILE L 137 -0.70 -14.96 -9.09
N LYS L 138 -0.60 -13.71 -9.55
CA LYS L 138 0.00 -13.42 -10.84
C LYS L 138 0.93 -12.21 -10.75
N CYS L 139 2.07 -12.31 -11.44
CA CYS L 139 3.07 -11.25 -11.47
C CYS L 139 2.57 -10.10 -12.33
N THR L 140 2.80 -8.87 -11.88
CA THR L 140 2.43 -7.65 -12.61
C THR L 140 3.65 -7.24 -13.43
N LYS L 141 3.55 -6.17 -14.20
CA LYS L 141 4.71 -5.74 -14.99
C LYS L 141 5.91 -5.37 -14.12
N LEU L 142 5.66 -4.90 -12.89
CA LEU L 142 6.74 -4.51 -11.98
C LEU L 142 7.55 -5.71 -11.52
N MET L 143 6.85 -6.80 -11.18
CA MET L 143 7.52 -8.02 -10.76
C MET L 143 8.32 -8.62 -11.92
N ARG L 144 7.73 -8.62 -13.11
CA ARG L 144 8.42 -9.14 -14.28
C ARG L 144 9.74 -8.40 -14.48
N ASP L 145 9.70 -7.08 -14.32
CA ASP L 145 10.91 -6.28 -14.48
C ASP L 145 11.93 -6.63 -13.41
N LYS L 146 11.47 -6.99 -12.22
CA LYS L 146 12.37 -7.38 -11.15
C LYS L 146 13.01 -8.71 -11.53
N LEU L 147 12.21 -9.60 -12.11
CA LEU L 147 12.69 -10.91 -12.53
C LEU L 147 13.80 -10.72 -13.56
N GLU L 148 13.56 -9.85 -14.53
CA GLU L 148 14.55 -9.57 -15.57
C GLU L 148 15.78 -8.97 -14.88
N ARG L 149 15.62 -8.62 -13.60
CA ARG L 149 16.72 -8.06 -12.81
C ARG L 149 17.10 -8.99 -11.64
N GLY L 150 16.47 -8.84 -10.47
CA GLY L 150 16.83 -9.70 -9.36
C GLY L 150 15.79 -9.97 -8.28
N GLU L 151 15.54 -11.25 -8.04
CA GLU L 151 14.59 -11.74 -7.03
C GLU L 151 15.26 -12.98 -6.44
N VAL L 152 15.42 -13.00 -5.12
CA VAL L 152 16.08 -14.10 -4.41
C VAL L 152 15.32 -15.42 -4.37
N GLU L 153 16.04 -16.50 -4.65
CA GLU L 153 15.46 -17.84 -4.65
C GLU L 153 15.63 -18.50 -3.29
#